data_2I6U
#
_entry.id   2I6U
#
_cell.length_a   99.149
_cell.length_b   99.149
_cell.length_c   463.000
_cell.angle_alpha   90.00
_cell.angle_beta   90.00
_cell.angle_gamma   120.00
#
_symmetry.space_group_name_H-M   'P 65 2 2'
#
loop_
_entity.id
_entity.type
_entity.pdbx_description
1 polymer 'Ornithine carbamoyltransferase'
2 non-polymer 'SULFATE ION'
3 non-polymer 'PHOSPHORIC ACID MONO(FORMAMIDE)ESTER'
4 non-polymer NORVALINE
5 water water
#
_entity_poly.entity_id   1
_entity_poly.type   'polypeptide(L)'
_entity_poly.pdbx_seq_one_letter_code
;VIRHFLRDDDLSPAEQAEVLELAAELKKDPVSRRPLQGPRGVAVIFDKNSTRTRFSFELGIAQLGGHAVVVDSGSTQLGR
DETLQDTAKVLSRYVDAIVWRTFGQERLDAMASVATVPVINALSDEFHPCQVLADLQTIAERKGALRGLRLSYFGDGANN
MAHSLLLGGVTAGIHVTVAAPEGFLPDPSVRAAAERRAQDTGASVTVTADAHAAAAGADVLVTDTWTSMGQENDGLDRVK
PFRPFQLNSRLLALADSDAIVLHCLPAHRGDEITDAVMDGPASAVWDEAENRLHAQKALLVWLLERS
;
_entity_poly.pdbx_strand_id   A,B,C
#
# COMPACT_ATOMS: atom_id res chain seq x y z
N VAL A 1 16.41 21.25 -18.82
CA VAL A 1 15.82 21.49 -17.46
C VAL A 1 15.33 20.17 -16.84
N ILE A 2 15.00 20.21 -15.54
CA ILE A 2 14.70 19.05 -14.69
C ILE A 2 15.90 18.15 -14.41
N ARG A 3 16.12 17.96 -13.13
CA ARG A 3 17.27 17.26 -12.69
C ARG A 3 16.79 15.89 -12.26
N HIS A 4 17.40 14.86 -12.82
CA HIS A 4 17.19 13.48 -12.39
C HIS A 4 18.32 12.99 -11.45
N PHE A 5 18.05 11.96 -10.66
CA PHE A 5 19.10 11.36 -9.85
C PHE A 5 19.13 9.88 -10.09
N LEU A 6 19.72 9.52 -11.21
CA LEU A 6 19.81 8.15 -11.64
C LEU A 6 21.11 7.47 -11.20
N ARG A 7 22.14 8.29 -10.92
CA ARG A 7 23.46 7.78 -10.52
C ARG A 7 24.21 8.86 -9.78
N ASP A 8 25.18 8.51 -8.93
CA ASP A 8 25.75 9.50 -7.96
C ASP A 8 26.37 10.77 -8.55
N ASP A 9 26.98 10.66 -9.74
CA ASP A 9 27.69 11.80 -10.35
C ASP A 9 26.75 12.75 -11.09
N ASP A 10 25.44 12.47 -11.04
CA ASP A 10 24.41 13.38 -11.51
C ASP A 10 24.42 14.66 -10.69
N LEU A 11 24.82 14.54 -9.43
CA LEU A 11 25.22 15.72 -8.65
C LEU A 11 26.72 16.03 -8.87
N SER A 12 27.02 17.29 -9.19
CA SER A 12 28.38 17.80 -9.12
C SER A 12 28.77 17.93 -7.63
N PRO A 13 30.09 18.11 -7.34
CA PRO A 13 30.52 18.13 -5.95
C PRO A 13 29.93 19.29 -5.14
N ALA A 14 29.76 20.47 -5.76
CA ALA A 14 29.13 21.57 -5.06
C ALA A 14 27.66 21.25 -4.79
N GLU A 15 26.97 20.62 -5.77
CA GLU A 15 25.55 20.25 -5.58
C GLU A 15 25.36 19.18 -4.50
N GLN A 16 26.22 18.15 -4.52
CA GLN A 16 26.13 17.16 -3.47
C GLN A 16 26.28 17.70 -2.06
N ALA A 17 27.16 18.70 -1.87
CA ALA A 17 27.40 19.27 -0.56
C ALA A 17 26.19 20.08 -0.11
N GLU A 18 25.57 20.75 -1.07
CA GLU A 18 24.27 21.38 -0.84
C GLU A 18 23.23 20.36 -0.32
N VAL A 19 23.11 19.23 -1.01
CA VAL A 19 22.16 18.18 -0.60
C VAL A 19 22.50 17.64 0.79
N LEU A 20 23.78 17.40 1.06
CA LEU A 20 24.14 16.85 2.38
C LEU A 20 24.01 17.89 3.50
N GLU A 21 24.30 19.15 3.20
CA GLU A 21 24.03 20.20 4.17
C GLU A 21 22.54 20.22 4.47
N LEU A 22 21.74 20.21 3.41
CA LEU A 22 20.29 20.05 3.61
C LEU A 22 19.93 18.81 4.44
N ALA A 23 20.51 17.64 4.14
CA ALA A 23 20.21 16.46 4.95
C ALA A 23 20.37 16.71 6.46
N ALA A 24 21.40 17.48 6.85
CA ALA A 24 21.71 17.61 8.25
C ALA A 24 20.74 18.57 8.94
N GLU A 25 20.39 19.65 8.26
CA GLU A 25 19.36 20.60 8.66
C GLU A 25 18.00 19.91 8.84
N LEU A 26 17.67 18.99 7.93
CA LEU A 26 16.37 18.30 7.98
C LEU A 26 16.41 17.26 9.08
N LYS A 27 17.60 16.76 9.43
CA LYS A 27 17.66 15.74 10.52
C LYS A 27 17.32 16.42 11.84
N LYS A 28 17.65 17.69 11.94
CA LYS A 28 17.41 18.45 13.14
C LYS A 28 15.99 19.06 13.15
N ASP A 29 15.52 19.55 12.00
CA ASP A 29 14.14 20.06 11.87
C ASP A 29 13.41 19.30 10.71
N PRO A 30 12.84 18.12 11.02
CA PRO A 30 12.31 17.16 10.04
C PRO A 30 11.03 17.58 9.28
N VAL A 31 10.28 18.55 9.79
CA VAL A 31 9.06 18.94 9.11
C VAL A 31 9.17 20.41 8.72
N SER A 32 10.39 20.91 8.58
CA SER A 32 10.61 22.35 8.36
C SER A 32 10.58 22.69 6.88
N ARG A 33 10.63 21.67 6.04
CA ARG A 33 10.60 21.91 4.60
C ARG A 33 9.37 21.17 4.06
N ARG A 34 8.44 21.90 3.45
CA ARG A 34 7.21 21.28 2.93
C ARG A 34 6.97 21.54 1.44
N PRO A 35 7.93 21.16 0.58
CA PRO A 35 7.67 21.57 -0.80
C PRO A 35 6.54 20.77 -1.49
N LEU A 36 6.18 19.61 -0.95
CA LEU A 36 5.16 18.73 -1.55
C LEU A 36 3.77 18.93 -0.92
N GLN A 37 3.65 20.00 -0.12
CA GLN A 37 2.39 20.35 0.50
C GLN A 37 1.23 20.44 -0.51
N GLY A 38 0.03 20.07 -0.07
CA GLY A 38 -1.11 20.03 -0.98
C GLY A 38 -2.17 19.02 -0.60
N PRO A 39 -1.84 17.71 -0.65
CA PRO A 39 -0.54 17.09 -1.02
C PRO A 39 -0.31 16.94 -2.50
N ARG A 40 0.94 17.12 -2.93
CA ARG A 40 1.35 16.75 -4.29
C ARG A 40 1.74 15.31 -4.14
N GLY A 41 1.71 14.57 -5.24
CA GLY A 41 2.08 13.14 -5.17
C GLY A 41 3.54 12.85 -5.56
N VAL A 42 3.98 11.64 -5.23
CA VAL A 42 5.23 11.09 -5.67
C VAL A 42 5.04 9.59 -5.90
N ALA A 43 5.47 9.07 -7.04
CA ALA A 43 5.40 7.64 -7.29
C ALA A 43 6.56 6.92 -6.58
N VAL A 44 6.29 5.82 -5.88
CA VAL A 44 7.36 5.00 -5.35
C VAL A 44 7.12 3.57 -5.78
N ILE A 45 7.89 3.10 -6.76
CA ILE A 45 7.64 1.82 -7.42
C ILE A 45 8.72 0.76 -7.11
N PHE A 46 8.30 -0.44 -6.70
CA PHE A 46 9.22 -1.53 -6.43
C PHE A 46 9.17 -2.70 -7.40
N ASP A 47 10.33 -3.04 -7.98
CA ASP A 47 10.50 -4.26 -8.74
C ASP A 47 11.14 -5.35 -7.93
N LYS A 48 11.72 -4.97 -6.77
CA LYS A 48 12.53 -5.82 -5.92
C LYS A 48 12.08 -5.59 -4.48
N ASN A 49 12.36 -6.56 -3.60
CA ASN A 49 12.09 -6.44 -2.15
C ASN A 49 12.69 -5.20 -1.56
N SER A 50 12.11 -4.69 -0.46
CA SER A 50 12.67 -3.57 0.25
C SER A 50 12.08 -3.35 1.67
N THR A 51 12.95 -3.09 2.66
CA THR A 51 12.50 -2.54 3.98
C THR A 51 12.89 -1.08 4.23
N ARG A 52 14.18 -0.77 4.09
CA ARG A 52 14.65 0.56 4.40
C ARG A 52 14.13 1.59 3.36
N THR A 53 14.22 1.22 2.08
CA THR A 53 13.86 2.17 1.00
C THR A 53 12.35 2.51 1.01
N ARG A 54 11.57 1.48 1.32
CA ARG A 54 10.12 1.59 1.41
C ARG A 54 9.73 2.58 2.50
N PHE A 55 10.21 2.34 3.73
CA PHE A 55 9.80 3.14 4.89
C PHE A 55 10.35 4.53 4.86
N SER A 56 11.58 4.66 4.36
CA SER A 56 12.27 5.94 4.37
C SER A 56 11.63 6.84 3.32
N PHE A 57 11.49 6.34 2.10
CA PHE A 57 10.79 7.13 1.07
C PHE A 57 9.31 7.48 1.43
N GLU A 58 8.54 6.50 1.87
CA GLU A 58 7.11 6.74 2.13
C GLU A 58 6.88 7.78 3.21
N LEU A 59 7.56 7.60 4.33
CA LEU A 59 7.49 8.52 5.45
C LEU A 59 8.08 9.89 5.15
N GLY A 60 9.20 9.90 4.41
CA GLY A 60 9.90 11.14 4.06
C GLY A 60 9.10 12.03 3.13
N ILE A 61 8.52 11.45 2.08
CA ILE A 61 7.48 12.16 1.29
C ILE A 61 6.36 12.71 2.16
N ALA A 62 5.84 11.91 3.08
CA ALA A 62 4.76 12.43 3.94
C ALA A 62 5.26 13.63 4.76
N GLN A 63 6.49 13.55 5.25
CA GLN A 63 7.07 14.63 6.05
C GLN A 63 7.40 15.89 5.28
N LEU A 64 7.53 15.78 3.96
CA LEU A 64 7.62 16.93 3.06
C LEU A 64 6.23 17.46 2.68
N GLY A 65 5.17 16.90 3.30
CA GLY A 65 3.79 17.36 3.06
C GLY A 65 3.05 16.68 1.90
N GLY A 66 3.73 15.77 1.22
CA GLY A 66 3.15 15.13 0.05
C GLY A 66 2.58 13.79 0.40
N HIS A 67 2.30 13.01 -0.66
CA HIS A 67 1.65 11.72 -0.53
C HIS A 67 2.33 10.72 -1.42
N ALA A 68 2.88 9.68 -0.84
CA ALA A 68 3.56 8.71 -1.69
C ALA A 68 2.57 7.65 -2.19
N VAL A 69 2.54 7.40 -3.49
CA VAL A 69 1.80 6.28 -3.98
C VAL A 69 2.78 5.14 -4.17
N VAL A 70 2.70 4.15 -3.30
CA VAL A 70 3.69 3.07 -3.26
C VAL A 70 3.10 1.79 -3.82
N VAL A 71 3.70 1.30 -4.90
CA VAL A 71 3.25 0.10 -5.59
C VAL A 71 4.33 -0.86 -5.92
N ASP A 72 4.05 -2.16 -5.75
CA ASP A 72 4.87 -3.18 -6.40
C ASP A 72 4.47 -3.18 -7.88
N SER A 73 5.45 -3.03 -8.77
CA SER A 73 5.17 -2.83 -10.18
C SER A 73 4.38 -3.98 -10.85
N GLY A 74 4.36 -5.16 -10.21
CA GLY A 74 3.66 -6.31 -10.75
C GLY A 74 2.14 -6.11 -10.77
N SER A 75 1.66 -5.20 -9.91
CA SER A 75 0.28 -4.86 -9.73
C SER A 75 -0.17 -3.74 -10.66
N THR A 76 0.80 -3.05 -11.25
CA THR A 76 0.47 -1.98 -12.16
C THR A 76 0.36 -2.60 -13.54
N GLN A 77 0.16 -1.78 -14.56
CA GLN A 77 0.04 -2.29 -15.92
C GLN A 77 1.39 -2.62 -16.56
N LEU A 78 2.49 -2.24 -15.86
CA LEU A 78 3.84 -2.71 -16.16
C LEU A 78 3.85 -4.22 -16.11
N GLY A 79 3.03 -4.78 -15.22
CA GLY A 79 2.85 -6.23 -15.13
C GLY A 79 2.17 -6.84 -16.36
N ARG A 80 1.55 -5.98 -17.17
CA ARG A 80 0.81 -6.39 -18.38
C ARG A 80 1.42 -5.70 -19.59
N ASP A 81 2.68 -5.28 -19.42
CA ASP A 81 3.56 -4.79 -20.50
C ASP A 81 3.31 -3.41 -21.09
N GLU A 82 2.67 -2.50 -20.37
CA GLU A 82 2.65 -1.12 -20.88
C GLU A 82 4.15 -0.68 -20.96
N THR A 83 4.55 0.01 -22.04
CA THR A 83 5.90 0.48 -22.17
C THR A 83 6.26 1.45 -21.02
N LEU A 84 7.56 1.55 -20.73
CA LEU A 84 8.05 2.41 -19.65
C LEU A 84 7.84 3.87 -20.02
N GLN A 85 8.01 4.22 -21.31
CA GLN A 85 7.84 5.60 -21.74
C GLN A 85 6.39 6.09 -21.59
N ASP A 86 5.43 5.22 -21.90
CA ASP A 86 3.99 5.48 -21.67
C ASP A 86 3.71 5.60 -20.19
N THR A 87 4.25 4.67 -19.39
CA THR A 87 4.06 4.76 -17.92
C THR A 87 4.58 6.07 -17.34
N ALA A 88 5.75 6.52 -17.82
CA ALA A 88 6.42 7.71 -17.32
C ALA A 88 5.65 8.96 -17.69
N LYS A 89 5.21 9.02 -18.95
CA LYS A 89 4.39 10.13 -19.45
C LYS A 89 3.07 10.24 -18.68
N VAL A 90 2.46 9.10 -18.34
CA VAL A 90 1.26 9.10 -17.51
C VAL A 90 1.54 9.55 -16.09
N LEU A 91 2.43 8.84 -15.36
CA LEU A 91 2.86 9.29 -14.01
C LEU A 91 3.16 10.80 -13.98
N SER A 92 3.71 11.37 -15.05
CA SER A 92 4.07 12.79 -14.99
C SER A 92 2.88 13.72 -14.81
N ARG A 93 1.68 13.21 -15.15
CA ARG A 93 0.44 13.95 -15.03
C ARG A 93 -0.12 13.92 -13.62
N TYR A 94 0.29 12.93 -12.83
CA TYR A 94 -0.24 12.73 -11.49
C TYR A 94 0.71 13.16 -10.37
N VAL A 95 1.99 12.78 -10.50
CA VAL A 95 2.99 13.02 -9.43
C VAL A 95 4.07 14.07 -9.76
N ASP A 96 4.80 14.51 -8.72
CA ASP A 96 5.85 15.53 -8.90
C ASP A 96 7.25 14.96 -9.00
N ALA A 97 7.38 13.64 -8.81
CA ALA A 97 8.66 12.93 -9.01
C ALA A 97 8.36 11.45 -9.05
N ILE A 98 9.22 10.65 -9.70
CA ILE A 98 9.06 9.21 -9.79
C ILE A 98 10.28 8.55 -9.19
N VAL A 99 10.08 7.86 -8.07
CA VAL A 99 11.06 7.08 -7.41
C VAL A 99 10.90 5.62 -7.78
N TRP A 100 11.92 4.99 -8.31
CA TRP A 100 11.80 3.61 -8.81
C TRP A 100 13.01 2.71 -8.45
N ARG A 101 12.78 1.65 -7.66
CA ARG A 101 13.70 0.52 -7.50
C ARG A 101 13.49 -0.48 -8.61
N THR A 102 14.50 -0.68 -9.45
CA THR A 102 14.36 -1.61 -10.57
C THR A 102 15.57 -2.53 -10.83
N PHE A 103 15.69 -3.04 -12.07
CA PHE A 103 16.77 -3.91 -12.50
C PHE A 103 17.72 -3.09 -13.42
N GLY A 104 17.81 -3.40 -14.69
CA GLY A 104 18.72 -2.68 -15.57
C GLY A 104 18.61 -1.18 -15.44
N GLN A 105 19.76 -0.49 -15.48
CA GLN A 105 19.81 0.96 -15.46
C GLN A 105 19.09 1.55 -16.65
N GLU A 106 19.09 0.82 -17.76
CA GLU A 106 18.48 1.35 -19.00
C GLU A 106 16.93 1.57 -18.84
N ARG A 107 16.33 0.88 -17.88
CA ARG A 107 14.87 1.07 -17.61
C ARG A 107 14.66 2.46 -17.03
N LEU A 108 15.57 2.92 -16.16
CA LEU A 108 15.51 4.27 -15.55
C LEU A 108 15.78 5.34 -16.61
N ASP A 109 16.75 5.07 -17.48
CA ASP A 109 17.03 5.96 -18.62
C ASP A 109 15.82 6.08 -19.54
N ALA A 110 15.12 4.96 -19.76
CA ALA A 110 13.87 4.94 -20.57
C ALA A 110 12.83 5.90 -19.98
N MET A 111 12.51 5.74 -18.70
CA MET A 111 11.60 6.68 -18.05
C MET A 111 12.07 8.13 -18.08
N ALA A 112 13.36 8.39 -17.72
CA ALA A 112 13.86 9.75 -17.58
C ALA A 112 13.93 10.45 -18.91
N SER A 113 14.04 9.67 -19.98
CA SER A 113 14.09 10.20 -21.33
C SER A 113 12.81 10.92 -21.74
N VAL A 114 11.65 10.47 -21.25
CA VAL A 114 10.38 11.19 -21.59
C VAL A 114 9.68 11.91 -20.41
N ALA A 115 9.94 11.48 -19.17
CA ALA A 115 9.36 12.12 -17.97
C ALA A 115 9.57 13.64 -17.85
N THR A 116 8.61 14.35 -17.26
CA THR A 116 8.65 15.82 -17.10
C THR A 116 8.69 16.14 -15.63
N VAL A 117 8.95 15.12 -14.83
CA VAL A 117 9.20 15.26 -13.41
C VAL A 117 10.52 14.51 -13.16
N PRO A 118 11.20 14.77 -12.02
CA PRO A 118 12.46 14.05 -11.75
C PRO A 118 12.28 12.56 -11.52
N VAL A 119 13.11 11.73 -12.17
CA VAL A 119 13.23 10.32 -11.85
C VAL A 119 14.44 10.12 -10.89
N ILE A 120 14.24 9.23 -9.90
CA ILE A 120 15.17 9.02 -8.81
C ILE A 120 15.37 7.54 -8.62
N ASN A 121 16.64 7.11 -8.65
CA ASN A 121 17.00 5.71 -8.60
C ASN A 121 16.97 5.24 -7.14
N ALA A 122 15.94 4.46 -6.80
CA ALA A 122 15.87 3.85 -5.45
C ALA A 122 16.60 2.51 -5.34
N LEU A 123 17.45 2.22 -6.34
CA LEU A 123 18.35 1.07 -6.49
C LEU A 123 18.10 0.45 -7.87
N SER A 124 19.18 0.22 -8.60
CA SER A 124 19.16 -0.54 -9.84
C SER A 124 20.30 -1.58 -9.83
N ASP A 125 20.53 -2.25 -10.95
CA ASP A 125 21.50 -3.33 -10.95
C ASP A 125 22.90 -2.66 -10.92
N GLU A 126 22.94 -1.37 -11.30
CA GLU A 126 24.13 -0.59 -11.52
C GLU A 126 24.48 0.35 -10.39
N PHE A 127 23.49 1.03 -9.80
CA PHE A 127 23.72 2.07 -8.78
C PHE A 127 22.73 2.00 -7.63
N HIS A 128 23.13 2.59 -6.50
CA HIS A 128 22.27 2.77 -5.36
C HIS A 128 22.57 4.13 -4.73
N PRO A 129 22.35 5.21 -5.50
CA PRO A 129 22.88 6.51 -5.12
C PRO A 129 22.28 7.13 -3.87
N CYS A 130 21.05 6.76 -3.49
CA CYS A 130 20.41 7.37 -2.31
C CYS A 130 21.01 6.80 -1.03
N GLN A 131 21.40 5.55 -1.10
CA GLN A 131 22.05 4.89 0.01
C GLN A 131 23.40 5.60 0.29
N VAL A 132 24.15 5.88 -0.77
CA VAL A 132 25.44 6.55 -0.61
C VAL A 132 25.28 8.00 -0.11
N LEU A 133 24.19 8.66 -0.42
CA LEU A 133 23.92 9.96 0.19
C LEU A 133 23.69 9.81 1.70
N ALA A 134 23.05 8.73 2.15
CA ALA A 134 22.89 8.50 3.60
C ALA A 134 24.20 8.08 4.25
N ASP A 135 25.03 7.34 3.51
CA ASP A 135 26.38 6.88 3.94
C ASP A 135 27.26 8.10 4.19
N LEU A 136 27.26 9.01 3.24
CA LEU A 136 28.03 10.23 3.34
C LEU A 136 27.57 11.11 4.50
N GLN A 137 26.27 11.22 4.73
CA GLN A 137 25.75 12.00 5.87
C GLN A 137 26.18 11.37 7.18
N THR A 138 26.29 10.05 7.24
CA THR A 138 26.56 9.44 8.53
C THR A 138 28.06 9.55 8.88
N ILE A 139 28.90 9.52 7.85
CA ILE A 139 30.35 9.76 7.96
C ILE A 139 30.55 11.21 8.37
N ALA A 140 30.02 12.16 7.60
CA ALA A 140 30.10 13.57 7.97
C ALA A 140 29.73 13.84 9.42
N GLU A 141 28.63 13.31 9.91
CA GLU A 141 28.19 13.69 11.25
C GLU A 141 29.05 13.07 12.34
N ARG A 142 29.84 12.05 11.98
CA ARG A 142 30.80 11.40 12.89
C ARG A 142 32.23 11.91 12.76
N LYS A 143 32.64 12.28 11.55
CA LYS A 143 34.02 12.68 11.27
C LYS A 143 34.21 14.13 10.86
N GLY A 144 33.14 14.86 10.58
CA GLY A 144 33.30 16.25 10.24
C GLY A 144 33.37 16.49 8.74
N ALA A 145 34.55 16.76 8.21
CA ALA A 145 34.65 17.05 6.79
C ALA A 145 34.79 15.73 6.06
N LEU A 146 34.51 15.71 4.76
CA LEU A 146 34.54 14.46 4.04
C LEU A 146 35.77 14.44 3.20
N ARG A 147 36.22 15.62 2.80
CA ARG A 147 37.35 15.74 1.86
C ARG A 147 38.61 15.06 2.45
N GLY A 148 39.22 14.21 1.64
CA GLY A 148 40.41 13.54 2.10
C GLY A 148 40.28 12.38 3.05
N LEU A 149 39.08 11.86 3.31
CA LEU A 149 38.98 10.64 4.10
C LEU A 149 39.34 9.44 3.24
N ARG A 150 39.57 8.32 3.90
CA ARG A 150 39.90 7.07 3.21
C ARG A 150 38.77 6.05 3.42
N LEU A 151 38.11 5.68 2.34
CA LEU A 151 36.96 4.74 2.41
C LEU A 151 37.30 3.48 1.64
N SER A 152 37.16 2.36 2.31
CA SER A 152 37.34 1.07 1.64
C SER A 152 36.06 0.26 1.54
N TYR A 153 35.76 -0.23 0.35
CA TYR A 153 34.66 -1.18 0.14
C TYR A 153 35.15 -2.61 -0.09
N PHE A 154 34.53 -3.57 0.59
CA PHE A 154 34.95 -4.99 0.51
C PHE A 154 33.88 -5.95 -0.07
N GLY A 155 34.28 -6.78 -1.03
CA GLY A 155 33.46 -7.93 -1.42
C GLY A 155 33.20 -8.02 -2.89
N ASP A 156 31.92 -7.87 -3.28
CA ASP A 156 31.53 -7.92 -4.70
C ASP A 156 31.75 -6.51 -5.26
N GLY A 157 32.85 -6.30 -6.01
CA GLY A 157 33.25 -4.95 -6.39
C GLY A 157 32.54 -4.46 -7.63
N ALA A 158 31.63 -5.28 -8.15
CA ALA A 158 30.91 -4.97 -9.39
C ALA A 158 29.42 -4.66 -9.15
N ASN A 159 29.00 -4.76 -7.88
CA ASN A 159 27.63 -4.64 -7.51
C ASN A 159 27.27 -3.15 -7.44
N ASN A 160 25.99 -2.83 -7.22
CA ASN A 160 25.53 -1.45 -7.26
C ASN A 160 26.15 -0.53 -6.22
N MET A 161 26.36 -1.05 -5.01
CA MET A 161 27.02 -0.31 -3.91
C MET A 161 28.49 0.05 -4.21
N ALA A 162 29.22 -0.88 -4.83
CA ALA A 162 30.61 -0.63 -5.19
C ALA A 162 30.68 0.56 -6.12
N HIS A 163 29.73 0.64 -7.07
CA HIS A 163 29.72 1.67 -8.09
C HIS A 163 29.33 3.01 -7.48
N SER A 164 28.39 3.00 -6.54
CA SER A 164 27.96 4.28 -5.95
C SER A 164 28.96 4.87 -4.95
N LEU A 165 29.59 3.97 -4.20
CA LEU A 165 30.68 4.37 -3.28
C LEU A 165 31.83 5.00 -4.09
N LEU A 166 32.24 4.34 -5.18
CA LEU A 166 33.11 4.96 -6.14
C LEU A 166 32.67 6.37 -6.52
N LEU A 167 31.48 6.53 -7.10
CA LEU A 167 31.11 7.83 -7.72
C LEU A 167 30.70 8.89 -6.71
N GLY A 168 29.97 8.47 -5.69
CA GLY A 168 29.58 9.39 -4.65
C GLY A 168 30.73 9.68 -3.68
N GLY A 169 31.57 8.68 -3.41
CA GLY A 169 32.82 8.90 -2.60
C GLY A 169 33.70 9.97 -3.24
N VAL A 170 34.13 9.78 -4.49
CA VAL A 170 35.04 10.73 -5.11
C VAL A 170 34.43 12.10 -5.26
N THR A 171 33.10 12.19 -5.37
CA THR A 171 32.42 13.45 -5.57
C THR A 171 32.50 14.26 -4.28
N ALA A 172 32.57 13.55 -3.16
CA ALA A 172 32.75 14.16 -1.83
C ALA A 172 34.27 14.45 -1.47
N GLY A 173 35.21 14.06 -2.35
CA GLY A 173 36.66 14.23 -2.08
C GLY A 173 37.26 13.05 -1.32
N ILE A 174 36.55 11.92 -1.33
CA ILE A 174 36.97 10.76 -0.54
C ILE A 174 37.88 9.86 -1.37
N HIS A 175 39.00 9.41 -0.80
CA HIS A 175 39.86 8.44 -1.49
C HIS A 175 39.16 7.11 -1.32
N VAL A 176 38.69 6.55 -2.43
CA VAL A 176 37.91 5.34 -2.34
C VAL A 176 38.69 4.13 -2.81
N THR A 177 38.68 3.07 -2.02
CA THR A 177 39.27 1.83 -2.49
C THR A 177 38.24 0.72 -2.60
N VAL A 178 38.27 -0.01 -3.71
CA VAL A 178 37.46 -1.18 -3.84
C VAL A 178 38.32 -2.42 -3.75
N ALA A 179 38.07 -3.22 -2.72
CA ALA A 179 38.74 -4.48 -2.52
C ALA A 179 37.83 -5.64 -2.93
N ALA A 180 38.16 -6.33 -4.02
CA ALA A 180 37.32 -7.41 -4.55
C ALA A 180 38.18 -8.43 -5.29
N PRO A 181 37.69 -9.70 -5.45
CA PRO A 181 38.44 -10.68 -6.30
C PRO A 181 38.57 -10.16 -7.71
N GLU A 182 39.55 -10.65 -8.47
CA GLU A 182 39.75 -10.09 -9.82
C GLU A 182 38.57 -10.26 -10.86
N GLY A 183 37.64 -11.18 -10.62
CA GLY A 183 36.50 -11.36 -11.56
C GLY A 183 35.28 -10.53 -11.18
N PHE A 184 35.38 -9.84 -10.04
CA PHE A 184 34.32 -9.04 -9.52
C PHE A 184 34.72 -7.58 -9.40
N LEU A 185 35.09 -6.97 -10.51
CA LEU A 185 35.64 -5.61 -10.43
C LEU A 185 34.67 -4.58 -10.98
N PRO A 186 34.79 -3.30 -10.54
CA PRO A 186 33.86 -2.27 -11.01
C PRO A 186 33.82 -2.17 -12.53
N ASP A 187 32.64 -1.83 -13.06
CA ASP A 187 32.48 -1.67 -14.49
C ASP A 187 33.48 -0.61 -14.93
N PRO A 188 34.24 -0.88 -15.99
CA PRO A 188 35.22 0.05 -16.51
C PRO A 188 34.72 1.45 -16.74
N SER A 189 33.46 1.63 -17.17
CA SER A 189 33.01 2.98 -17.50
C SER A 189 32.64 3.72 -16.22
N VAL A 190 32.32 2.96 -15.17
CA VAL A 190 32.04 3.56 -13.89
C VAL A 190 33.38 3.95 -13.23
N ARG A 191 34.35 3.06 -13.32
CA ARG A 191 35.68 3.38 -12.80
C ARG A 191 36.25 4.62 -13.51
N ALA A 192 36.15 4.65 -14.84
CA ALA A 192 36.56 5.84 -15.61
C ALA A 192 35.89 7.14 -15.16
N ALA A 193 34.59 7.09 -14.94
CA ALA A 193 33.85 8.28 -14.58
C ALA A 193 34.26 8.74 -13.21
N ALA A 194 34.59 7.77 -12.36
CA ALA A 194 35.03 8.02 -11.00
C ALA A 194 36.45 8.67 -10.99
N GLU A 195 37.33 8.17 -11.84
CA GLU A 195 38.69 8.70 -12.00
C GLU A 195 38.62 10.11 -12.52
N ARG A 196 37.69 10.34 -13.44
CA ARG A 196 37.50 11.66 -14.02
C ARG A 196 36.95 12.66 -13.00
N ARG A 197 36.08 12.20 -12.11
CA ARG A 197 35.47 13.08 -11.13
C ARG A 197 36.51 13.41 -10.05
N ALA A 198 37.32 12.42 -9.70
CA ALA A 198 38.41 12.52 -8.69
C ALA A 198 39.43 13.64 -9.01
N GLN A 199 39.81 13.76 -10.28
CA GLN A 199 40.64 14.87 -10.70
C GLN A 199 40.09 16.24 -10.27
N ASP A 200 38.77 16.41 -10.28
CA ASP A 200 38.20 17.72 -9.90
C ASP A 200 38.10 17.90 -8.40
N THR A 201 38.22 16.82 -7.63
CA THR A 201 37.97 16.94 -6.17
C THR A 201 39.20 16.64 -5.32
N GLY A 202 40.23 16.13 -5.98
CA GLY A 202 41.47 15.75 -5.35
C GLY A 202 41.35 14.39 -4.70
N ALA A 203 40.32 13.61 -5.04
CA ALA A 203 40.21 12.25 -4.51
C ALA A 203 40.96 11.27 -5.41
N SER A 204 40.86 9.99 -5.13
CA SER A 204 41.52 9.02 -5.93
C SER A 204 40.70 7.74 -5.92
N VAL A 205 40.97 6.88 -6.90
CA VAL A 205 40.30 5.63 -6.95
C VAL A 205 41.35 4.55 -6.93
N THR A 206 41.18 3.55 -6.08
CA THR A 206 42.08 2.39 -6.04
C THR A 206 41.27 1.14 -6.13
N VAL A 207 41.73 0.16 -6.88
CA VAL A 207 41.05 -1.13 -6.95
C VAL A 207 42.09 -2.24 -6.70
N THR A 208 41.80 -3.16 -5.77
CA THR A 208 42.75 -4.15 -5.38
C THR A 208 42.12 -5.49 -4.95
N ALA A 209 42.83 -6.59 -5.16
CA ALA A 209 42.44 -7.86 -4.57
C ALA A 209 42.96 -8.08 -3.13
N ASP A 210 43.58 -7.06 -2.53
CA ASP A 210 44.26 -7.22 -1.22
C ASP A 210 43.39 -6.60 -0.13
N ALA A 211 42.69 -7.42 0.63
CA ALA A 211 41.74 -6.88 1.61
C ALA A 211 42.49 -6.19 2.74
N HIS A 212 43.56 -6.85 3.22
CA HIS A 212 44.44 -6.27 4.28
C HIS A 212 44.97 -4.89 3.90
N ALA A 213 45.57 -4.75 2.71
CA ALA A 213 46.04 -3.44 2.27
C ALA A 213 44.90 -2.41 2.20
N ALA A 214 43.69 -2.83 1.81
CA ALA A 214 42.54 -1.91 1.77
C ALA A 214 42.07 -1.50 3.16
N ALA A 215 42.11 -2.40 4.15
CA ALA A 215 41.69 -2.01 5.52
C ALA A 215 42.69 -1.11 6.27
N ALA A 216 43.99 -1.39 6.08
CA ALA A 216 45.10 -0.64 6.77
C ALA A 216 44.98 0.85 6.65
N GLY A 217 44.79 1.53 7.79
CA GLY A 217 44.67 3.00 7.74
C GLY A 217 43.34 3.63 7.30
N ALA A 218 42.30 2.82 7.07
CA ALA A 218 41.02 3.35 6.54
C ALA A 218 40.23 4.05 7.59
N ASP A 219 39.64 5.18 7.23
CA ASP A 219 38.69 5.81 8.13
C ASP A 219 37.29 5.13 8.10
N VAL A 220 36.90 4.60 6.94
CA VAL A 220 35.57 3.96 6.78
C VAL A 220 35.71 2.62 6.08
N LEU A 221 35.20 1.58 6.73
CA LEU A 221 35.12 0.24 6.12
C LEU A 221 33.65 -0.08 5.77
N VAL A 222 33.43 -0.47 4.53
CA VAL A 222 32.07 -0.68 4.02
C VAL A 222 31.99 -2.03 3.34
N THR A 223 30.91 -2.78 3.60
CA THR A 223 30.58 -3.99 2.79
C THR A 223 29.05 -4.11 2.46
N ASP A 224 28.69 -5.21 1.80
CA ASP A 224 27.35 -5.43 1.25
C ASP A 224 27.29 -6.93 0.95
N THR A 225 26.09 -7.42 0.61
CA THR A 225 25.88 -8.84 0.39
C THR A 225 26.74 -9.40 -0.76
N TRP A 226 27.09 -10.67 -0.66
CA TRP A 226 27.82 -11.35 -1.72
C TRP A 226 26.93 -11.76 -2.92
N THR A 227 25.60 -11.82 -2.70
CA THR A 227 24.59 -12.18 -3.74
C THR A 227 23.50 -11.11 -3.66
N SER A 228 23.57 -10.15 -4.57
CA SER A 228 22.58 -9.10 -4.62
C SER A 228 21.28 -9.66 -5.27
N MET A 229 20.20 -8.89 -5.12
CA MET A 229 18.91 -9.20 -5.80
C MET A 229 19.11 -9.24 -7.31
N GLY A 230 18.86 -10.42 -7.88
CA GLY A 230 19.03 -10.54 -9.31
C GLY A 230 20.19 -11.42 -9.70
N GLN A 231 21.07 -11.74 -8.74
CA GLN A 231 22.28 -12.54 -9.01
C GLN A 231 22.15 -13.97 -8.55
N GLU A 232 21.05 -14.34 -7.89
CA GLU A 232 20.78 -15.71 -7.38
C GLU A 232 21.05 -16.84 -8.38
N ASN A 233 20.93 -16.54 -9.69
CA ASN A 233 20.99 -17.59 -10.70
C ASN A 233 22.09 -17.42 -11.78
N ASP A 234 23.14 -16.64 -11.47
CA ASP A 234 24.25 -16.46 -12.43
C ASP A 234 25.16 -17.68 -12.57
N GLY A 235 25.01 -18.66 -11.69
CA GLY A 235 25.82 -19.89 -11.79
C GLY A 235 27.13 -19.89 -10.98
N LEU A 236 27.47 -18.75 -10.38
CA LEU A 236 28.73 -18.58 -9.65
C LEU A 236 28.58 -19.04 -8.22
N ASP A 237 29.63 -19.69 -7.72
CA ASP A 237 29.82 -19.79 -6.28
C ASP A 237 30.08 -18.36 -5.77
N ARG A 238 29.24 -17.90 -4.83
CA ARG A 238 29.36 -16.54 -4.33
C ARG A 238 29.62 -16.50 -2.82
N VAL A 239 30.30 -17.53 -2.33
CA VAL A 239 30.83 -17.59 -0.99
C VAL A 239 32.38 -17.72 -1.08
N LYS A 240 32.85 -18.80 -1.70
CA LYS A 240 34.26 -19.11 -1.81
C LYS A 240 35.11 -17.88 -2.20
N PRO A 241 34.73 -17.15 -3.27
CA PRO A 241 35.63 -16.06 -3.63
C PRO A 241 35.73 -14.89 -2.65
N PHE A 242 34.73 -14.72 -1.80
CA PHE A 242 34.62 -13.49 -1.03
C PHE A 242 35.01 -13.67 0.43
N ARG A 243 35.25 -14.92 0.85
CA ARG A 243 35.77 -15.18 2.19
C ARG A 243 36.99 -14.32 2.64
N PRO A 244 38.02 -14.14 1.76
CA PRO A 244 39.13 -13.27 2.18
C PRO A 244 38.68 -11.82 2.41
N PHE A 245 37.46 -11.48 1.96
CA PHE A 245 37.01 -10.08 1.98
C PHE A 245 36.00 -9.78 3.08
N GLN A 246 35.80 -10.75 3.97
CA GLN A 246 34.84 -10.59 5.06
C GLN A 246 35.25 -9.46 6.02
N LEU A 247 34.32 -8.58 6.33
CA LEU A 247 34.55 -7.53 7.32
C LEU A 247 34.44 -8.13 8.71
N ASN A 248 35.59 -8.59 9.24
CA ASN A 248 35.68 -9.18 10.58
C ASN A 248 36.64 -8.40 11.48
N SER A 249 36.77 -8.81 12.74
CA SER A 249 37.61 -8.16 13.74
C SER A 249 39.08 -7.97 13.31
N ARG A 250 39.68 -9.01 12.70
CA ARG A 250 41.04 -8.89 12.12
C ARG A 250 41.19 -7.72 11.14
N LEU A 251 40.21 -7.51 10.27
CA LEU A 251 40.39 -6.48 9.25
C LEU A 251 40.14 -5.12 9.85
N LEU A 252 39.21 -5.05 10.78
CA LEU A 252 38.89 -3.78 11.40
C LEU A 252 40.10 -3.26 12.23
N ALA A 253 40.88 -4.21 12.76
CA ALA A 253 42.08 -3.94 13.57
C ALA A 253 43.18 -3.20 12.80
N LEU A 254 43.19 -3.37 11.46
CA LEU A 254 44.08 -2.62 10.57
C LEU A 254 43.68 -1.17 10.29
N ALA A 255 42.39 -0.88 10.42
CA ALA A 255 41.85 0.45 10.13
C ALA A 255 42.41 1.54 11.07
N ASP A 256 42.19 2.80 10.73
CA ASP A 256 42.44 3.88 11.66
C ASP A 256 41.69 3.57 12.93
N SER A 257 42.20 4.02 14.08
CA SER A 257 41.55 3.67 15.38
C SER A 257 40.17 4.31 15.51
N ASP A 258 39.94 5.40 14.78
CA ASP A 258 38.63 6.04 14.82
C ASP A 258 37.69 5.64 13.65
N ALA A 259 37.92 4.45 13.08
CA ALA A 259 37.24 4.00 11.87
C ALA A 259 35.76 3.70 12.16
N ILE A 260 34.92 3.93 11.15
CA ILE A 260 33.54 3.47 11.23
C ILE A 260 33.25 2.40 10.22
N VAL A 261 32.38 1.48 10.64
CA VAL A 261 31.89 0.42 9.76
C VAL A 261 30.47 0.72 9.27
N LEU A 262 30.28 0.60 7.96
CA LEU A 262 28.98 0.81 7.33
C LEU A 262 28.60 -0.45 6.53
N HIS A 263 27.29 -0.62 6.33
CA HIS A 263 26.69 -1.77 5.62
C HIS A 263 25.26 -1.29 5.31
N CYS A 264 24.92 -1.26 4.02
CA CYS A 264 23.63 -0.68 3.57
C CYS A 264 22.45 -1.44 4.16
N LEU A 265 22.62 -2.76 4.32
CA LEU A 265 21.62 -3.63 4.90
C LEU A 265 20.67 -4.01 3.76
N PRO A 266 20.11 -5.23 3.79
CA PRO A 266 20.19 -6.25 4.85
C PRO A 266 21.50 -7.01 4.85
N ALA A 267 21.86 -7.47 6.05
CA ALA A 267 23.13 -8.10 6.28
C ALA A 267 22.92 -9.58 6.46
N HIS A 268 23.78 -10.36 5.81
CA HIS A 268 23.88 -11.78 6.08
C HIS A 268 25.02 -11.92 7.11
N ARG A 269 24.66 -11.95 8.38
CA ARG A 269 25.65 -11.96 9.42
C ARG A 269 26.41 -13.26 9.36
N GLY A 270 27.73 -13.23 9.55
CA GLY A 270 28.51 -14.47 9.47
C GLY A 270 29.06 -14.63 8.09
N ASP A 271 28.53 -13.89 7.11
CA ASP A 271 29.12 -13.95 5.76
C ASP A 271 30.03 -12.77 5.52
N GLU A 272 29.48 -11.71 4.94
CA GLU A 272 30.26 -10.56 4.57
C GLU A 272 30.69 -9.71 5.78
N ILE A 273 29.98 -9.87 6.91
CA ILE A 273 30.25 -9.07 8.09
C ILE A 273 29.91 -9.93 9.31
N THR A 274 30.65 -9.78 10.40
CA THR A 274 30.49 -10.67 11.53
C THR A 274 29.65 -9.96 12.60
N ASP A 275 29.08 -10.70 13.54
CA ASP A 275 28.32 -10.07 14.63
C ASP A 275 29.17 -9.10 15.42
N ALA A 276 30.33 -9.59 15.88
CA ALA A 276 31.34 -8.74 16.58
C ALA A 276 31.55 -7.37 15.92
N VAL A 277 31.77 -7.33 14.62
CA VAL A 277 31.88 -6.02 13.95
C VAL A 277 30.55 -5.22 13.85
N MET A 278 29.53 -5.88 13.32
CA MET A 278 28.24 -5.25 13.07
C MET A 278 27.64 -4.64 14.32
N ASP A 279 27.74 -5.38 15.41
CA ASP A 279 27.21 -4.98 16.68
C ASP A 279 28.21 -4.28 17.61
N GLY A 280 29.46 -4.08 17.16
CA GLY A 280 30.52 -3.46 17.99
C GLY A 280 30.61 -1.95 17.89
N PRO A 281 31.62 -1.31 18.57
CA PRO A 281 31.69 0.17 18.75
C PRO A 281 32.03 0.96 17.47
N ALA A 282 32.62 0.32 16.48
CA ALA A 282 32.84 1.03 15.21
C ALA A 282 31.59 1.04 14.28
N SER A 283 30.61 0.19 14.55
CA SER A 283 29.46 0.05 13.59
C SER A 283 28.56 1.28 13.55
N ALA A 284 28.39 1.90 12.37
CA ALA A 284 27.48 3.07 12.23
C ALA A 284 26.17 2.65 11.47
N VAL A 285 25.87 1.38 11.52
CA VAL A 285 24.84 0.75 10.70
C VAL A 285 23.37 1.25 10.97
N TRP A 286 22.97 1.37 12.24
CA TRP A 286 21.61 1.85 12.53
C TRP A 286 21.40 3.33 12.14
N ASP A 287 22.39 4.17 12.45
CA ASP A 287 22.33 5.59 12.11
C ASP A 287 22.34 5.71 10.62
N GLU A 288 23.10 4.85 9.94
CA GLU A 288 23.16 4.89 8.50
C GLU A 288 21.73 4.64 7.90
N ALA A 289 21.02 3.65 8.45
CA ALA A 289 19.64 3.28 8.05
C ALA A 289 18.74 4.49 8.31
N GLU A 290 18.84 5.10 9.49
CA GLU A 290 17.96 6.21 9.78
C GLU A 290 18.17 7.32 8.77
N ASN A 291 19.42 7.57 8.41
CA ASN A 291 19.78 8.70 7.54
C ASN A 291 19.27 8.61 6.07
N ARG A 292 18.93 7.41 5.61
CA ARG A 292 18.05 7.23 4.41
C ARG A 292 16.87 8.25 4.41
N LEU A 293 16.14 8.29 5.51
CA LEU A 293 15.04 9.24 5.70
C LEU A 293 15.47 10.66 5.45
N HIS A 294 16.52 11.14 6.15
CA HIS A 294 16.91 12.56 6.08
C HIS A 294 17.55 12.89 4.75
N ALA A 295 18.36 11.99 4.24
CA ALA A 295 19.12 12.26 3.00
C ALA A 295 18.21 12.29 1.77
N GLN A 296 17.33 11.29 1.63
CA GLN A 296 16.29 11.32 0.53
C GLN A 296 15.39 12.55 0.60
N LYS A 297 15.01 12.99 1.81
CA LYS A 297 14.13 14.15 1.89
C LYS A 297 14.82 15.37 1.33
N ALA A 298 16.12 15.56 1.67
CA ALA A 298 16.92 16.65 1.18
C ALA A 298 17.10 16.57 -0.29
N LEU A 299 17.38 15.38 -0.80
CA LEU A 299 17.50 15.22 -2.23
C LEU A 299 16.21 15.63 -2.95
N LEU A 300 15.05 15.26 -2.37
CA LEU A 300 13.73 15.55 -3.00
C LEU A 300 13.48 17.06 -2.98
N VAL A 301 13.66 17.69 -1.81
CA VAL A 301 13.59 19.15 -1.75
C VAL A 301 14.47 19.81 -2.81
N TRP A 302 15.72 19.33 -2.93
CA TRP A 302 16.72 19.91 -3.83
C TRP A 302 16.33 19.72 -5.28
N LEU A 303 15.96 18.50 -5.65
CA LEU A 303 15.54 18.25 -7.04
C LEU A 303 14.28 19.03 -7.44
N LEU A 304 13.32 19.11 -6.52
CA LEU A 304 12.02 19.73 -6.82
C LEU A 304 12.18 21.23 -7.03
N GLU A 305 13.01 21.90 -6.24
CA GLU A 305 13.23 23.34 -6.45
C GLU A 305 13.95 23.69 -7.76
N ARG A 306 14.52 22.66 -8.41
CA ARG A 306 15.24 22.79 -9.67
C ARG A 306 14.53 22.15 -10.86
N SER A 307 13.31 21.65 -10.65
CA SER A 307 12.61 21.00 -11.74
C SER A 307 11.18 21.52 -11.93
N VAL B 1 -32.00 7.39 -1.62
CA VAL B 1 -31.19 8.03 -0.53
C VAL B 1 -29.68 8.09 -0.95
N ILE B 2 -28.83 7.11 -0.60
CA ILE B 2 -27.39 7.23 -0.95
C ILE B 2 -27.05 6.98 -2.44
N ARG B 3 -26.29 7.92 -3.02
CA ARG B 3 -25.94 7.83 -4.43
C ARG B 3 -24.69 6.97 -4.68
N HIS B 4 -24.84 5.94 -5.51
CA HIS B 4 -23.75 5.09 -5.96
C HIS B 4 -23.41 5.40 -7.39
N PHE B 5 -22.28 4.89 -7.89
CA PHE B 5 -21.89 5.11 -9.27
C PHE B 5 -21.32 3.81 -9.83
N LEU B 6 -22.21 2.92 -10.27
CA LEU B 6 -21.74 1.62 -10.75
C LEU B 6 -21.69 1.54 -12.26
N ARG B 7 -22.34 2.48 -12.93
CA ARG B 7 -22.45 2.42 -14.36
C ARG B 7 -22.80 3.84 -14.73
N ASP B 8 -22.59 4.20 -16.00
CA ASP B 8 -22.53 5.60 -16.40
C ASP B 8 -23.86 6.32 -16.33
N ASP B 9 -24.95 5.59 -16.61
CA ASP B 9 -26.30 6.14 -16.53
C ASP B 9 -26.85 6.22 -15.12
N ASP B 10 -26.07 5.89 -14.08
CA ASP B 10 -26.45 6.22 -12.70
C ASP B 10 -26.47 7.74 -12.47
N LEU B 11 -25.85 8.49 -13.39
CA LEU B 11 -26.01 9.94 -13.38
C LEU B 11 -27.04 10.37 -14.46
N SER B 12 -28.01 11.21 -14.10
CA SER B 12 -28.93 11.72 -15.12
C SER B 12 -28.12 12.64 -16.04
N PRO B 13 -28.65 13.05 -17.21
CA PRO B 13 -27.90 14.02 -18.03
C PRO B 13 -27.52 15.28 -17.24
N ALA B 14 -28.45 15.85 -16.49
CA ALA B 14 -28.12 17.08 -15.76
C ALA B 14 -27.09 16.81 -14.68
N GLU B 15 -27.14 15.63 -14.07
CA GLU B 15 -26.21 15.32 -13.03
C GLU B 15 -24.75 15.14 -13.60
N GLN B 16 -24.61 14.29 -14.61
CA GLN B 16 -23.38 14.17 -15.35
C GLN B 16 -22.83 15.55 -15.66
N ALA B 17 -23.68 16.48 -16.11
CA ALA B 17 -23.13 17.78 -16.48
C ALA B 17 -22.59 18.54 -15.26
N GLU B 18 -23.21 18.33 -14.09
CA GLU B 18 -22.75 19.03 -12.87
C GLU B 18 -21.38 18.47 -12.47
N VAL B 19 -21.22 17.16 -12.66
CA VAL B 19 -19.98 16.47 -12.37
C VAL B 19 -18.83 16.95 -13.29
N LEU B 20 -19.07 16.98 -14.59
CA LEU B 20 -18.08 17.42 -15.54
C LEU B 20 -17.70 18.89 -15.34
N GLU B 21 -18.63 19.71 -14.88
CA GLU B 21 -18.36 21.12 -14.70
C GLU B 21 -17.49 21.30 -13.48
N LEU B 22 -17.76 20.49 -12.46
CA LEU B 22 -16.95 20.46 -11.25
C LEU B 22 -15.55 19.88 -11.54
N ALA B 23 -15.49 18.81 -12.33
CA ALA B 23 -14.22 18.34 -12.85
C ALA B 23 -13.34 19.48 -13.38
N ALA B 24 -13.87 20.30 -14.28
CA ALA B 24 -13.11 21.39 -14.84
C ALA B 24 -12.74 22.44 -13.79
N GLU B 25 -13.62 22.66 -12.82
CA GLU B 25 -13.27 23.53 -11.68
C GLU B 25 -12.15 22.96 -10.77
N LEU B 26 -12.17 21.67 -10.50
CA LEU B 26 -11.14 21.04 -9.68
C LEU B 26 -9.79 20.96 -10.38
N LYS B 27 -9.79 20.92 -11.72
CA LYS B 27 -8.57 20.85 -12.49
C LYS B 27 -7.83 22.16 -12.33
N LYS B 28 -8.60 23.23 -12.17
CA LYS B 28 -8.01 24.53 -12.06
C LYS B 28 -7.76 24.94 -10.58
N ASP B 29 -8.41 24.26 -9.62
CA ASP B 29 -8.16 24.43 -8.17
C ASP B 29 -8.11 23.09 -7.41
N PRO B 30 -6.98 22.39 -7.52
CA PRO B 30 -6.87 20.99 -7.13
C PRO B 30 -6.91 20.67 -5.64
N VAL B 31 -6.53 21.58 -4.76
CA VAL B 31 -6.36 21.17 -3.37
C VAL B 31 -7.19 22.00 -2.42
N SER B 32 -8.06 22.84 -2.96
CA SER B 32 -8.87 23.68 -2.12
C SER B 32 -10.25 23.12 -1.71
N ARG B 33 -10.56 21.88 -2.13
CA ARG B 33 -11.79 21.24 -1.70
C ARG B 33 -11.46 20.14 -0.75
N ARG B 34 -12.02 20.20 0.44
CA ARG B 34 -11.63 19.22 1.46
C ARG B 34 -12.82 18.54 2.15
N PRO B 35 -13.69 17.82 1.39
CA PRO B 35 -14.83 17.18 2.06
C PRO B 35 -14.43 16.01 2.95
N LEU B 36 -13.26 15.42 2.71
CA LEU B 36 -12.82 14.28 3.52
C LEU B 36 -11.83 14.64 4.66
N GLN B 37 -11.71 15.92 4.95
CA GLN B 37 -10.88 16.48 6.04
C GLN B 37 -11.09 15.66 7.32
N GLY B 38 -10.05 15.52 8.13
CA GLY B 38 -10.10 14.57 9.26
C GLY B 38 -8.81 13.85 9.66
N PRO B 39 -8.31 12.93 8.83
CA PRO B 39 -8.83 12.47 7.54
C PRO B 39 -9.96 11.43 7.64
N ARG B 40 -11.04 11.59 6.86
CA ARG B 40 -12.01 10.52 6.70
C ARG B 40 -11.39 9.58 5.68
N GLY B 41 -11.68 8.30 5.78
CA GLY B 41 -11.20 7.33 4.77
C GLY B 41 -12.06 7.05 3.54
N VAL B 42 -11.46 6.35 2.58
CA VAL B 42 -12.13 5.87 1.41
C VAL B 42 -11.43 4.56 1.08
N ALA B 43 -12.18 3.50 0.82
CA ALA B 43 -11.60 2.18 0.51
C ALA B 43 -11.34 2.15 -0.97
N VAL B 44 -10.23 1.55 -1.39
CA VAL B 44 -9.91 1.46 -2.81
C VAL B 44 -9.36 0.08 -3.01
N ILE B 45 -10.19 -0.81 -3.55
CA ILE B 45 -9.91 -2.23 -3.60
C ILE B 45 -9.67 -2.60 -5.05
N PHE B 46 -8.62 -3.40 -5.31
CA PHE B 46 -8.30 -3.84 -6.68
C PHE B 46 -8.31 -5.34 -6.71
N ASP B 47 -9.03 -5.89 -7.70
CA ASP B 47 -8.99 -7.31 -8.01
C ASP B 47 -8.15 -7.47 -9.28
N LYS B 48 -7.95 -6.40 -10.03
CA LYS B 48 -7.18 -6.51 -11.27
C LYS B 48 -6.04 -5.48 -11.22
N ASN B 49 -5.10 -5.57 -12.16
CA ASN B 49 -4.00 -4.63 -12.30
C ASN B 49 -4.52 -3.21 -12.50
N SER B 50 -3.71 -2.22 -12.15
CA SER B 50 -3.96 -0.81 -12.45
C SER B 50 -2.72 0.11 -12.30
N THR B 51 -2.59 1.07 -13.23
CA THR B 51 -1.69 2.25 -13.04
C THR B 51 -2.48 3.57 -12.89
N ARG B 52 -3.17 3.99 -13.96
CA ARG B 52 -3.96 5.22 -13.92
C ARG B 52 -4.98 5.24 -12.76
N THR B 53 -5.64 4.11 -12.45
CA THR B 53 -6.78 4.16 -11.53
C THR B 53 -6.25 4.23 -10.11
N ARG B 54 -5.23 3.43 -9.86
CA ARG B 54 -4.52 3.40 -8.59
C ARG B 54 -3.98 4.79 -8.21
N PHE B 55 -3.29 5.44 -9.15
CA PHE B 55 -2.67 6.72 -8.85
C PHE B 55 -3.68 7.82 -8.74
N SER B 56 -4.66 7.83 -9.66
CA SER B 56 -5.59 8.93 -9.71
C SER B 56 -6.52 8.89 -8.47
N PHE B 57 -6.91 7.71 -8.03
CA PHE B 57 -7.77 7.60 -6.88
C PHE B 57 -7.07 7.92 -5.59
N GLU B 58 -5.97 7.20 -5.30
CA GLU B 58 -5.17 7.45 -4.09
C GLU B 58 -4.79 8.93 -3.90
N LEU B 59 -4.31 9.57 -4.94
CA LEU B 59 -3.95 10.96 -4.86
C LEU B 59 -5.14 11.89 -4.73
N GLY B 60 -6.18 11.67 -5.57
CA GLY B 60 -7.41 12.43 -5.46
C GLY B 60 -7.99 12.43 -4.08
N ILE B 61 -8.06 11.26 -3.48
CA ILE B 61 -8.59 11.13 -2.14
C ILE B 61 -7.75 11.96 -1.20
N ALA B 62 -6.42 11.80 -1.27
CA ALA B 62 -5.53 12.63 -0.42
C ALA B 62 -5.76 14.12 -0.67
N GLN B 63 -5.94 14.51 -1.93
CA GLN B 63 -6.18 15.90 -2.24
C GLN B 63 -7.51 16.48 -1.75
N LEU B 64 -8.45 15.57 -1.40
CA LEU B 64 -9.72 15.96 -0.84
C LEU B 64 -9.65 16.00 0.67
N GLY B 65 -8.46 15.83 1.25
CA GLY B 65 -8.26 15.86 2.70
C GLY B 65 -8.34 14.47 3.36
N GLY B 66 -8.72 13.44 2.59
CA GLY B 66 -8.95 12.12 3.18
C GLY B 66 -7.79 11.14 3.04
N HIS B 67 -8.05 9.86 3.31
CA HIS B 67 -7.00 8.88 3.27
C HIS B 67 -7.50 7.65 2.54
N ALA B 68 -6.93 7.32 1.38
CA ALA B 68 -7.24 6.07 0.73
C ALA B 68 -6.62 4.87 1.45
N VAL B 69 -7.43 3.89 1.83
CA VAL B 69 -6.86 2.60 2.22
C VAL B 69 -6.85 1.74 0.96
N VAL B 70 -5.69 1.60 0.32
CA VAL B 70 -5.60 0.87 -0.96
C VAL B 70 -5.20 -0.57 -0.70
N VAL B 71 -6.05 -1.54 -1.10
CA VAL B 71 -5.78 -2.98 -0.92
C VAL B 71 -5.96 -3.77 -2.20
N ASP B 72 -5.26 -4.92 -2.29
CA ASP B 72 -5.57 -6.00 -3.22
C ASP B 72 -6.55 -6.91 -2.47
N SER B 73 -7.71 -7.16 -3.08
CA SER B 73 -8.79 -7.89 -2.41
C SER B 73 -8.31 -9.27 -1.94
N GLY B 74 -7.40 -9.87 -2.70
CA GLY B 74 -6.79 -11.13 -2.30
C GLY B 74 -6.13 -11.17 -0.93
N SER B 75 -5.59 -10.04 -0.46
CA SER B 75 -4.98 -10.01 0.86
C SER B 75 -5.95 -9.57 1.97
N THR B 76 -7.14 -9.09 1.57
CA THR B 76 -8.28 -8.89 2.49
C THR B 76 -8.97 -10.22 2.80
N GLN B 77 -9.91 -10.21 3.74
CA GLN B 77 -10.65 -11.45 4.05
C GLN B 77 -11.69 -11.84 2.94
N LEU B 78 -11.80 -11.01 1.89
CA LEU B 78 -12.49 -11.41 0.64
C LEU B 78 -11.80 -12.63 0.03
N GLY B 79 -10.47 -12.69 0.16
CA GLY B 79 -9.70 -13.85 -0.28
C GLY B 79 -9.95 -15.10 0.55
N ARG B 80 -10.55 -14.93 1.73
CA ARG B 80 -10.99 -16.09 2.54
C ARG B 80 -12.51 -16.25 2.66
N ASP B 81 -13.23 -15.69 1.67
CA ASP B 81 -14.69 -15.89 1.46
C ASP B 81 -15.63 -15.22 2.46
N GLU B 82 -15.24 -14.07 3.02
CA GLU B 82 -16.19 -13.25 3.75
C GLU B 82 -17.16 -12.80 2.65
N THR B 83 -18.46 -12.76 2.95
CA THR B 83 -19.43 -12.39 1.90
C THR B 83 -19.21 -10.90 1.53
N LEU B 84 -19.56 -10.51 0.30
CA LEU B 84 -19.45 -9.12 -0.13
C LEU B 84 -20.30 -8.17 0.73
N GLN B 85 -21.32 -8.71 1.37
CA GLN B 85 -22.29 -7.88 2.05
C GLN B 85 -21.81 -7.60 3.47
N ASP B 86 -21.29 -8.61 4.15
CA ASP B 86 -20.53 -8.42 5.40
C ASP B 86 -19.36 -7.45 5.22
N THR B 87 -18.60 -7.64 4.17
CA THR B 87 -17.50 -6.73 3.89
C THR B 87 -17.98 -5.28 3.80
N ALA B 88 -19.12 -5.05 3.13
CA ALA B 88 -19.57 -3.71 2.80
C ALA B 88 -20.16 -3.02 4.00
N LYS B 89 -20.77 -3.82 4.86
CA LYS B 89 -21.30 -3.31 6.12
C LYS B 89 -20.14 -2.96 7.10
N VAL B 90 -19.08 -3.77 7.07
CA VAL B 90 -17.87 -3.46 7.86
C VAL B 90 -17.19 -2.19 7.35
N LEU B 91 -16.90 -2.15 6.05
CA LEU B 91 -16.26 -0.97 5.47
C LEU B 91 -17.02 0.30 5.71
N SER B 92 -18.35 0.20 5.76
CA SER B 92 -19.24 1.32 6.06
C SER B 92 -19.03 1.93 7.44
N ARG B 93 -18.40 1.19 8.36
CA ARG B 93 -18.04 1.70 9.69
C ARG B 93 -16.69 2.43 9.68
N TYR B 94 -15.86 2.22 8.65
CA TYR B 94 -14.51 2.81 8.60
C TYR B 94 -14.36 3.93 7.58
N VAL B 95 -14.97 3.75 6.41
CA VAL B 95 -14.79 4.69 5.31
C VAL B 95 -16.08 5.45 4.91
N ASP B 96 -15.91 6.48 4.09
CA ASP B 96 -17.01 7.29 3.62
C ASP B 96 -17.42 6.97 2.17
N ALA B 97 -16.68 6.05 1.53
CA ALA B 97 -16.95 5.61 0.17
C ALA B 97 -16.14 4.35 -0.10
N ILE B 98 -16.62 3.50 -0.99
CA ILE B 98 -15.94 2.26 -1.33
C ILE B 98 -15.70 2.25 -2.82
N VAL B 99 -14.45 2.27 -3.26
CA VAL B 99 -14.12 2.28 -4.69
C VAL B 99 -13.59 0.89 -5.00
N TRP B 100 -14.11 0.21 -6.01
CA TRP B 100 -13.70 -1.17 -6.26
C TRP B 100 -13.50 -1.44 -7.74
N ARG B 101 -12.34 -2.00 -8.10
CA ARG B 101 -12.10 -2.49 -9.44
C ARG B 101 -12.28 -3.98 -9.36
N THR B 102 -13.22 -4.51 -10.14
CA THR B 102 -13.56 -5.91 -9.97
C THR B 102 -13.84 -6.61 -11.29
N PHE B 103 -14.38 -7.81 -11.17
CA PHE B 103 -14.78 -8.63 -12.30
C PHE B 103 -16.29 -8.35 -12.62
N GLY B 104 -17.18 -9.26 -12.26
CA GLY B 104 -18.59 -9.10 -12.67
C GLY B 104 -19.33 -8.00 -11.94
N GLN B 105 -20.11 -7.22 -12.66
CA GLN B 105 -21.02 -6.22 -12.08
C GLN B 105 -21.82 -6.70 -10.86
N GLU B 106 -22.15 -8.00 -10.82
CA GLU B 106 -22.99 -8.51 -9.76
C GLU B 106 -22.35 -8.23 -8.42
N ARG B 107 -21.02 -8.39 -8.37
CA ARG B 107 -20.19 -8.04 -7.19
C ARG B 107 -20.38 -6.61 -6.69
N LEU B 108 -20.30 -5.63 -7.60
CA LEU B 108 -20.62 -4.25 -7.22
C LEU B 108 -22.02 -4.14 -6.66
N ASP B 109 -23.01 -4.69 -7.39
CA ASP B 109 -24.43 -4.63 -6.93
C ASP B 109 -24.57 -5.24 -5.51
N ALA B 110 -23.92 -6.37 -5.26
CA ALA B 110 -24.00 -6.94 -3.93
C ALA B 110 -23.54 -5.96 -2.85
N MET B 111 -22.42 -5.25 -3.10
CA MET B 111 -21.91 -4.38 -2.06
C MET B 111 -22.83 -3.18 -1.98
N ALA B 112 -23.23 -2.66 -3.14
CA ALA B 112 -24.10 -1.47 -3.19
C ALA B 112 -25.43 -1.69 -2.46
N SER B 113 -25.86 -2.94 -2.38
CA SER B 113 -27.20 -3.29 -1.87
C SER B 113 -27.32 -3.17 -0.36
N VAL B 114 -26.18 -3.07 0.35
CA VAL B 114 -26.20 -2.98 1.83
C VAL B 114 -25.28 -1.88 2.38
N ALA B 115 -24.41 -1.34 1.52
CA ALA B 115 -23.43 -0.34 1.92
C ALA B 115 -24.18 0.90 2.39
N THR B 116 -23.67 1.60 3.40
CA THR B 116 -24.31 2.85 3.81
C THR B 116 -23.53 4.08 3.35
N VAL B 117 -22.72 3.89 2.29
CA VAL B 117 -21.85 4.92 1.76
C VAL B 117 -21.78 4.66 0.24
N PRO B 118 -21.48 5.67 -0.59
CA PRO B 118 -21.34 5.39 -2.01
C PRO B 118 -20.40 4.25 -2.39
N VAL B 119 -20.86 3.35 -3.25
CA VAL B 119 -19.97 2.42 -3.94
C VAL B 119 -19.70 2.94 -5.32
N ILE B 120 -18.42 2.91 -5.73
CA ILE B 120 -17.97 3.40 -7.02
C ILE B 120 -17.24 2.32 -7.80
N ASN B 121 -17.64 2.17 -9.06
CA ASN B 121 -17.07 1.21 -9.98
C ASN B 121 -15.79 1.79 -10.53
N ALA B 122 -14.64 1.18 -10.17
CA ALA B 122 -13.34 1.65 -10.65
C ALA B 122 -12.87 0.87 -11.86
N LEU B 123 -13.75 -0.04 -12.30
CA LEU B 123 -13.71 -0.86 -13.55
C LEU B 123 -14.30 -2.20 -13.16
N SER B 124 -15.30 -2.64 -13.93
CA SER B 124 -15.77 -4.03 -13.89
C SER B 124 -15.67 -4.64 -15.30
N ASP B 125 -15.97 -5.93 -15.39
CA ASP B 125 -16.09 -6.65 -16.66
C ASP B 125 -17.04 -5.97 -17.64
N GLU B 126 -18.09 -5.36 -17.11
CA GLU B 126 -19.07 -4.77 -18.02
C GLU B 126 -19.10 -3.26 -18.16
N PHE B 127 -18.52 -2.51 -17.21
CA PHE B 127 -18.44 -1.04 -17.33
C PHE B 127 -17.08 -0.47 -16.83
N HIS B 128 -16.73 0.73 -17.30
CA HIS B 128 -15.60 1.50 -16.75
C HIS B 128 -16.05 2.93 -16.68
N PRO B 129 -16.98 3.23 -15.76
CA PRO B 129 -17.62 4.55 -15.86
C PRO B 129 -16.78 5.75 -15.48
N CYS B 130 -15.81 5.61 -14.56
CA CYS B 130 -14.96 6.77 -14.22
C CYS B 130 -14.10 7.23 -15.42
N GLN B 131 -13.72 6.29 -16.27
CA GLN B 131 -12.90 6.59 -17.42
C GLN B 131 -13.65 7.46 -18.36
N VAL B 132 -14.94 7.15 -18.57
CA VAL B 132 -15.69 7.91 -19.55
C VAL B 132 -16.00 9.32 -19.01
N LEU B 133 -16.16 9.50 -17.70
CA LEU B 133 -16.17 10.87 -17.19
C LEU B 133 -14.86 11.65 -17.56
N ALA B 134 -13.70 11.01 -17.37
CA ALA B 134 -12.45 11.66 -17.73
C ALA B 134 -12.41 11.86 -19.23
N ASP B 135 -12.83 10.85 -20.01
CA ASP B 135 -12.91 11.03 -21.49
C ASP B 135 -13.73 12.28 -21.89
N LEU B 136 -14.86 12.48 -21.20
CA LEU B 136 -15.80 13.54 -21.56
C LEU B 136 -15.26 14.89 -21.12
N GLN B 137 -14.60 14.94 -19.96
CA GLN B 137 -13.94 16.18 -19.59
C GLN B 137 -12.90 16.57 -20.62
N THR B 138 -12.18 15.57 -21.14
CA THR B 138 -11.17 15.88 -22.13
C THR B 138 -11.72 16.36 -23.46
N ILE B 139 -12.77 15.70 -23.97
CA ILE B 139 -13.49 16.20 -25.14
C ILE B 139 -14.05 17.61 -24.89
N ALA B 140 -14.66 17.84 -23.73
CA ALA B 140 -15.23 19.17 -23.47
C ALA B 140 -14.21 20.30 -23.44
N GLU B 141 -13.07 20.11 -22.75
CA GLU B 141 -12.05 21.17 -22.69
C GLU B 141 -11.43 21.44 -24.05
N ARG B 142 -11.41 20.44 -24.92
CA ARG B 142 -10.96 20.64 -26.29
C ARG B 142 -12.01 21.11 -27.31
N LYS B 143 -13.25 20.63 -27.23
CA LYS B 143 -14.26 21.02 -28.23
C LYS B 143 -15.35 22.00 -27.79
N GLY B 144 -15.54 22.19 -26.49
CA GLY B 144 -16.64 22.99 -25.95
C GLY B 144 -17.87 22.11 -25.65
N ALA B 145 -19.04 22.53 -26.14
CA ALA B 145 -20.29 21.78 -25.97
C ALA B 145 -20.15 20.32 -26.44
N LEU B 146 -20.60 19.40 -25.59
CA LEU B 146 -20.61 17.96 -25.88
C LEU B 146 -21.81 17.52 -26.76
N ARG B 147 -22.97 18.14 -26.53
CA ARG B 147 -24.21 17.82 -27.28
C ARG B 147 -24.02 17.81 -28.82
N GLY B 148 -24.35 16.68 -29.42
CA GLY B 148 -24.38 16.58 -30.87
C GLY B 148 -23.07 16.30 -31.55
N LEU B 149 -22.02 15.97 -30.79
CA LEU B 149 -20.76 15.56 -31.43
C LEU B 149 -20.90 14.09 -31.83
N ARG B 150 -20.06 13.65 -32.76
CA ARG B 150 -20.01 12.25 -33.17
C ARG B 150 -18.75 11.57 -32.65
N LEU B 151 -18.95 10.46 -31.95
CA LEU B 151 -17.86 9.74 -31.38
C LEU B 151 -17.92 8.34 -31.91
N SER B 152 -16.82 7.79 -32.38
CA SER B 152 -16.78 6.39 -32.79
C SER B 152 -15.76 5.58 -32.00
N TYR B 153 -16.18 4.44 -31.49
CA TYR B 153 -15.31 3.49 -30.80
C TYR B 153 -15.00 2.33 -31.73
N PHE B 154 -13.75 1.83 -31.72
CA PHE B 154 -13.29 0.76 -32.61
C PHE B 154 -12.73 -0.41 -31.82
N GLY B 155 -13.02 -1.64 -32.24
CA GLY B 155 -12.40 -2.83 -31.68
C GLY B 155 -13.38 -3.79 -31.02
N ASP B 156 -13.14 -4.11 -29.74
CA ASP B 156 -13.96 -5.05 -28.98
C ASP B 156 -15.15 -4.26 -28.49
N GLY B 157 -16.29 -4.43 -29.19
CA GLY B 157 -17.53 -3.71 -28.85
C GLY B 157 -18.30 -4.32 -27.68
N ALA B 158 -17.81 -5.42 -27.14
CA ALA B 158 -18.46 -6.08 -26.01
C ALA B 158 -17.79 -5.82 -24.66
N ASN B 159 -16.68 -5.07 -24.63
CA ASN B 159 -15.94 -4.84 -23.35
C ASN B 159 -16.51 -3.68 -22.53
N ASN B 160 -15.92 -3.42 -21.37
CA ASN B 160 -16.37 -2.35 -20.50
C ASN B 160 -16.31 -0.94 -21.12
N MET B 161 -15.36 -0.69 -22.02
CA MET B 161 -15.21 0.68 -22.55
C MET B 161 -16.29 0.98 -23.59
N ALA B 162 -16.52 0.02 -24.46
CA ALA B 162 -17.61 0.10 -25.47
C ALA B 162 -18.90 0.42 -24.75
N HIS B 163 -19.24 -0.42 -23.77
CA HIS B 163 -20.42 -0.21 -22.96
C HIS B 163 -20.50 1.16 -22.32
N SER B 164 -19.43 1.61 -21.65
CA SER B 164 -19.47 2.90 -20.93
C SER B 164 -19.44 4.08 -21.88
N LEU B 165 -18.78 3.96 -23.03
CA LEU B 165 -18.81 5.06 -24.01
C LEU B 165 -20.26 5.28 -24.54
N LEU B 166 -20.93 4.17 -24.84
CA LEU B 166 -22.37 4.18 -25.17
C LEU B 166 -23.21 4.90 -24.10
N LEU B 167 -23.23 4.36 -22.88
CA LEU B 167 -24.07 4.94 -21.82
C LEU B 167 -23.71 6.38 -21.43
N GLY B 168 -22.42 6.64 -21.17
CA GLY B 168 -22.01 7.97 -20.85
C GLY B 168 -22.05 8.88 -22.06
N GLY B 169 -21.77 8.35 -23.25
CA GLY B 169 -21.76 9.19 -24.45
C GLY B 169 -23.16 9.73 -24.71
N VAL B 170 -24.15 8.83 -24.77
CA VAL B 170 -25.55 9.32 -24.96
C VAL B 170 -26.04 10.19 -23.79
N THR B 171 -25.70 9.83 -22.56
CA THR B 171 -26.02 10.68 -21.42
C THR B 171 -25.55 12.13 -21.67
N ALA B 172 -24.51 12.31 -22.48
CA ALA B 172 -23.99 13.65 -22.78
C ALA B 172 -24.55 14.30 -24.06
N GLY B 173 -25.43 13.61 -24.77
CA GLY B 173 -26.01 14.18 -25.97
C GLY B 173 -25.19 13.79 -27.17
N ILE B 174 -24.36 12.76 -27.03
CA ILE B 174 -23.42 12.47 -28.11
C ILE B 174 -23.91 11.31 -28.95
N HIS B 175 -23.83 11.44 -30.26
CA HIS B 175 -24.10 10.32 -31.13
C HIS B 175 -22.90 9.41 -31.06
N VAL B 176 -23.09 8.22 -30.52
CA VAL B 176 -22.03 7.26 -30.35
C VAL B 176 -22.15 6.16 -31.38
N THR B 177 -21.03 5.74 -31.95
CA THR B 177 -21.04 4.63 -32.87
C THR B 177 -20.04 3.62 -32.36
N VAL B 178 -20.45 2.36 -32.26
CA VAL B 178 -19.51 1.29 -31.99
C VAL B 178 -19.19 0.57 -33.26
N ALA B 179 -17.93 0.62 -33.71
CA ALA B 179 -17.48 -0.23 -34.82
C ALA B 179 -16.76 -1.48 -34.31
N ALA B 180 -17.36 -2.65 -34.51
CA ALA B 180 -16.84 -3.93 -33.98
C ALA B 180 -17.20 -5.09 -34.89
N PRO B 181 -16.36 -6.17 -34.93
CA PRO B 181 -16.72 -7.36 -35.70
C PRO B 181 -17.77 -8.21 -34.98
N GLU B 182 -18.20 -9.28 -35.64
CA GLU B 182 -19.40 -9.95 -35.24
C GLU B 182 -19.32 -10.81 -34.00
N GLY B 183 -18.19 -11.31 -33.60
CA GLY B 183 -18.32 -11.91 -32.25
C GLY B 183 -18.39 -10.90 -31.06
N PHE B 184 -18.35 -9.59 -31.35
CA PHE B 184 -17.87 -8.63 -30.37
C PHE B 184 -18.68 -7.33 -30.32
N LEU B 185 -20.00 -7.44 -30.22
CA LEU B 185 -20.91 -6.27 -30.24
C LEU B 185 -21.45 -5.98 -28.84
N PRO B 186 -21.92 -4.75 -28.59
CA PRO B 186 -22.40 -4.47 -27.24
C PRO B 186 -23.44 -5.47 -26.75
N ASP B 187 -23.55 -5.66 -25.44
CA ASP B 187 -24.59 -6.46 -24.91
C ASP B 187 -25.96 -5.81 -25.23
N PRO B 188 -26.95 -6.63 -25.73
CA PRO B 188 -28.27 -6.12 -26.08
C PRO B 188 -28.84 -5.25 -24.97
N SER B 189 -28.70 -5.70 -23.74
CA SER B 189 -29.23 -4.95 -22.62
C SER B 189 -28.65 -3.57 -22.40
N VAL B 190 -27.35 -3.43 -22.68
CA VAL B 190 -26.65 -2.16 -22.55
C VAL B 190 -27.02 -1.30 -23.73
N ARG B 191 -27.12 -1.94 -24.90
CA ARG B 191 -27.57 -1.23 -26.10
C ARG B 191 -29.00 -0.68 -25.92
N ALA B 192 -29.87 -1.47 -25.27
CA ALA B 192 -31.24 -1.04 -24.97
C ALA B 192 -31.25 0.11 -23.98
N ALA B 193 -30.41 0.03 -22.95
CA ALA B 193 -30.29 1.11 -21.95
C ALA B 193 -29.75 2.39 -22.60
N ALA B 194 -28.83 2.25 -23.53
CA ALA B 194 -28.27 3.42 -24.23
C ALA B 194 -29.33 4.08 -25.09
N GLU B 195 -30.05 3.25 -25.86
CA GLU B 195 -31.17 3.75 -26.68
C GLU B 195 -32.25 4.43 -25.83
N ARG B 196 -32.57 3.83 -24.69
CA ARG B 196 -33.50 4.45 -23.76
C ARG B 196 -32.99 5.82 -23.36
N ARG B 197 -31.75 5.92 -22.88
CA ARG B 197 -31.22 7.21 -22.44
C ARG B 197 -31.05 8.22 -23.58
N ALA B 198 -30.68 7.75 -24.78
CA ALA B 198 -30.51 8.64 -25.93
C ALA B 198 -31.77 9.39 -26.29
N GLN B 199 -32.94 8.71 -26.16
CA GLN B 199 -34.26 9.35 -26.35
C GLN B 199 -34.46 10.62 -25.54
N ASP B 200 -33.92 10.63 -24.31
CA ASP B 200 -34.02 11.80 -23.46
C ASP B 200 -32.99 12.91 -23.78
N THR B 201 -31.95 12.59 -24.54
CA THR B 201 -30.90 13.60 -24.72
C THR B 201 -30.73 14.07 -26.14
N GLY B 202 -31.40 13.43 -27.10
CA GLY B 202 -31.22 13.79 -28.51
C GLY B 202 -30.06 13.03 -29.16
N ALA B 203 -29.52 12.06 -28.43
CA ALA B 203 -28.35 11.36 -28.91
C ALA B 203 -28.78 10.27 -29.84
N SER B 204 -27.87 9.35 -30.15
CA SER B 204 -28.21 8.19 -30.95
C SER B 204 -27.14 7.11 -30.76
N VAL B 205 -27.51 5.88 -31.04
CA VAL B 205 -26.62 4.75 -30.95
C VAL B 205 -26.58 4.09 -32.34
N THR B 206 -25.38 3.93 -32.89
CA THR B 206 -25.18 3.21 -34.14
C THR B 206 -24.23 2.08 -33.84
N VAL B 207 -24.47 0.90 -34.40
CA VAL B 207 -23.51 -0.18 -34.25
C VAL B 207 -23.25 -0.74 -35.64
N THR B 208 -22.00 -0.73 -36.08
CA THR B 208 -21.65 -1.13 -37.43
C THR B 208 -20.39 -1.97 -37.48
N ALA B 209 -20.19 -2.69 -38.58
CA ALA B 209 -18.97 -3.46 -38.74
C ALA B 209 -18.06 -2.84 -39.79
N ASP B 210 -18.40 -1.60 -40.18
CA ASP B 210 -17.70 -0.86 -41.21
C ASP B 210 -16.93 0.27 -40.52
N ALA B 211 -15.66 0.01 -40.26
CA ALA B 211 -14.79 0.97 -39.58
C ALA B 211 -14.69 2.26 -40.37
N HIS B 212 -14.46 2.15 -41.68
CA HIS B 212 -14.38 3.33 -42.54
C HIS B 212 -15.61 4.26 -42.43
N ALA B 213 -16.81 3.68 -42.36
CA ALA B 213 -18.04 4.45 -42.24
C ALA B 213 -18.16 5.09 -40.86
N ALA B 214 -17.79 4.33 -39.83
CA ALA B 214 -17.77 4.84 -38.44
C ALA B 214 -16.80 6.02 -38.26
N ALA B 215 -15.62 5.92 -38.90
CA ALA B 215 -14.61 6.97 -38.82
C ALA B 215 -15.03 8.26 -39.50
N ALA B 216 -15.67 8.12 -40.66
CA ALA B 216 -15.93 9.23 -41.57
C ALA B 216 -16.71 10.35 -40.90
N GLY B 217 -16.13 11.54 -40.85
CA GLY B 217 -16.84 12.70 -40.29
C GLY B 217 -16.86 12.78 -38.76
N ALA B 218 -16.22 11.80 -38.12
CA ALA B 218 -16.28 11.67 -36.65
C ALA B 218 -15.54 12.83 -35.98
N ASP B 219 -16.03 13.25 -34.81
CA ASP B 219 -15.34 14.27 -34.05
C ASP B 219 -14.38 13.66 -33.04
N VAL B 220 -14.61 12.41 -32.64
CA VAL B 220 -13.78 11.76 -31.64
C VAL B 220 -13.62 10.31 -32.07
N LEU B 221 -12.39 9.82 -32.15
CA LEU B 221 -12.14 8.41 -32.42
C LEU B 221 -11.54 7.79 -31.15
N VAL B 222 -12.03 6.63 -30.74
CA VAL B 222 -11.62 6.02 -29.48
C VAL B 222 -11.38 4.56 -29.76
N THR B 223 -10.39 3.97 -29.08
CA THR B 223 -10.20 2.55 -29.15
C THR B 223 -9.69 2.11 -27.79
N ASP B 224 -9.31 0.83 -27.69
CA ASP B 224 -8.95 0.20 -26.41
C ASP B 224 -8.32 -1.17 -26.77
N THR B 225 -7.78 -1.88 -25.78
CA THR B 225 -7.15 -3.15 -26.06
C THR B 225 -8.13 -4.16 -26.69
N TRP B 226 -7.60 -4.99 -27.57
CA TRP B 226 -8.31 -6.12 -28.11
C TRP B 226 -8.41 -7.26 -27.09
N THR B 227 -7.48 -7.34 -26.13
CA THR B 227 -7.63 -8.30 -25.02
C THR B 227 -7.62 -7.62 -23.64
N SER B 228 -8.79 -7.59 -23.03
CA SER B 228 -8.97 -6.98 -21.74
C SER B 228 -8.56 -7.92 -20.61
N MET B 229 -8.48 -7.41 -19.39
CA MET B 229 -8.21 -8.25 -18.22
C MET B 229 -9.40 -9.14 -17.90
N GLY B 230 -9.16 -10.44 -17.83
CA GLY B 230 -10.22 -11.43 -17.73
C GLY B 230 -10.41 -12.22 -19.03
N GLN B 231 -9.95 -11.68 -20.16
CA GLN B 231 -10.13 -12.32 -21.47
C GLN B 231 -8.94 -13.17 -21.95
N GLU B 232 -7.86 -13.24 -21.17
CA GLU B 232 -6.58 -13.87 -21.61
C GLU B 232 -6.66 -15.34 -21.99
N ASN B 233 -7.45 -16.11 -21.24
CA ASN B 233 -7.58 -17.54 -21.48
C ASN B 233 -8.95 -17.88 -22.03
N ASP B 234 -9.58 -16.95 -22.75
CA ASP B 234 -10.93 -17.21 -23.23
C ASP B 234 -10.91 -18.03 -24.51
N GLY B 235 -9.71 -18.33 -25.03
CA GLY B 235 -9.55 -19.21 -26.19
C GLY B 235 -9.85 -18.61 -27.56
N LEU B 236 -10.33 -17.37 -27.60
CA LEU B 236 -10.66 -16.72 -28.86
C LEU B 236 -9.42 -16.17 -29.56
N ASP B 237 -9.50 -16.08 -30.89
CA ASP B 237 -8.50 -15.36 -31.67
C ASP B 237 -8.84 -13.89 -31.50
N ARG B 238 -8.06 -13.18 -30.70
CA ARG B 238 -8.30 -11.74 -30.51
C ARG B 238 -7.36 -10.83 -31.30
N VAL B 239 -6.91 -11.30 -32.46
CA VAL B 239 -6.15 -10.45 -33.37
C VAL B 239 -6.82 -10.35 -34.73
N LYS B 240 -7.08 -11.49 -35.35
CA LYS B 240 -7.68 -11.56 -36.70
C LYS B 240 -8.97 -10.70 -36.90
N PRO B 241 -9.97 -10.83 -36.00
CA PRO B 241 -11.19 -10.01 -36.16
C PRO B 241 -10.96 -8.50 -36.15
N PHE B 242 -9.99 -8.04 -35.35
CA PHE B 242 -9.92 -6.63 -35.03
C PHE B 242 -9.02 -5.83 -35.95
N ARG B 243 -8.18 -6.51 -36.72
CA ARG B 243 -7.25 -5.81 -37.62
C ARG B 243 -7.89 -4.68 -38.45
N PRO B 244 -9.07 -4.92 -39.09
CA PRO B 244 -9.72 -3.87 -39.87
C PRO B 244 -10.12 -2.65 -39.04
N PHE B 245 -10.23 -2.84 -37.73
CA PHE B 245 -10.65 -1.78 -36.82
C PHE B 245 -9.49 -1.02 -36.16
N GLN B 246 -8.26 -1.30 -36.59
CA GLN B 246 -7.10 -0.62 -36.05
C GLN B 246 -7.18 0.86 -36.28
N LEU B 247 -6.95 1.64 -35.23
CA LEU B 247 -6.99 3.09 -35.34
C LEU B 247 -5.63 3.56 -35.85
N ASN B 248 -5.51 3.71 -37.18
CA ASN B 248 -4.25 4.05 -37.84
C ASN B 248 -4.44 5.34 -38.62
N SER B 249 -3.46 5.71 -39.43
CA SER B 249 -3.51 7.00 -40.13
C SER B 249 -4.48 7.02 -41.34
N ARG B 250 -4.71 5.88 -42.03
CA ARG B 250 -5.79 5.79 -43.08
C ARG B 250 -7.08 6.23 -42.41
N LEU B 251 -7.40 5.54 -41.31
CA LEU B 251 -8.64 5.75 -40.59
C LEU B 251 -8.85 7.18 -40.17
N LEU B 252 -7.89 7.75 -39.44
CA LEU B 252 -8.01 9.08 -38.89
C LEU B 252 -8.13 10.14 -39.99
N ALA B 253 -7.53 9.85 -41.15
CA ALA B 253 -7.64 10.78 -42.26
C ALA B 253 -9.12 10.88 -42.76
N LEU B 254 -9.93 9.84 -42.50
CA LEU B 254 -11.38 9.95 -42.78
C LEU B 254 -12.16 10.84 -41.81
N ALA B 255 -11.66 11.10 -40.61
CA ALA B 255 -12.48 11.84 -39.62
C ALA B 255 -12.57 13.31 -39.94
N ASP B 256 -13.30 14.07 -39.12
CA ASP B 256 -13.33 15.52 -39.25
C ASP B 256 -11.92 16.04 -39.00
N SER B 257 -11.55 17.18 -39.60
CA SER B 257 -10.17 17.69 -39.51
C SER B 257 -9.71 18.02 -38.07
N ASP B 258 -10.63 18.50 -37.23
CA ASP B 258 -10.38 18.78 -35.82
C ASP B 258 -10.66 17.60 -34.91
N ALA B 259 -10.71 16.39 -35.46
CA ALA B 259 -11.04 15.20 -34.67
C ALA B 259 -10.02 14.94 -33.56
N ILE B 260 -10.43 14.31 -32.47
CA ILE B 260 -9.44 13.88 -31.48
C ILE B 260 -9.44 12.41 -31.22
N VAL B 261 -8.30 11.89 -30.81
CA VAL B 261 -8.17 10.48 -30.54
C VAL B 261 -8.04 10.21 -29.04
N LEU B 262 -8.75 9.21 -28.56
CA LEU B 262 -8.68 8.84 -27.17
C LEU B 262 -8.34 7.37 -27.10
N HIS B 263 -7.77 6.95 -25.97
CA HIS B 263 -7.53 5.54 -25.70
C HIS B 263 -7.46 5.50 -24.20
N CYS B 264 -8.19 4.62 -23.55
CA CYS B 264 -8.15 4.69 -22.08
C CYS B 264 -6.73 4.34 -21.50
N LEU B 265 -5.97 3.55 -22.27
CA LEU B 265 -4.66 3.01 -21.88
C LEU B 265 -4.89 1.94 -20.82
N PRO B 266 -3.99 0.94 -20.74
CA PRO B 266 -2.71 0.82 -21.45
C PRO B 266 -2.92 0.41 -22.89
N ALA B 267 -2.11 0.96 -23.80
CA ALA B 267 -2.23 0.66 -25.23
C ALA B 267 -1.19 -0.35 -25.64
N HIS B 268 -1.58 -1.26 -26.54
CA HIS B 268 -0.67 -2.22 -27.14
C HIS B 268 -0.35 -1.67 -28.51
N ARG B 269 0.64 -0.78 -28.55
CA ARG B 269 1.05 -0.05 -29.77
C ARG B 269 1.35 -1.03 -30.90
N GLY B 270 0.96 -0.69 -32.12
CA GLY B 270 1.00 -1.66 -33.22
C GLY B 270 -0.25 -2.55 -33.42
N ASP B 271 -1.09 -2.68 -32.39
CA ASP B 271 -2.35 -3.44 -32.51
C ASP B 271 -3.51 -2.49 -32.71
N GLU B 272 -4.21 -2.16 -31.62
CA GLU B 272 -5.41 -1.31 -31.73
C GLU B 272 -5.15 0.09 -32.18
N ILE B 273 -3.91 0.55 -32.02
CA ILE B 273 -3.54 1.95 -32.29
C ILE B 273 -2.07 1.94 -32.71
N THR B 274 -1.70 2.84 -33.60
CA THR B 274 -0.34 2.89 -34.09
C THR B 274 0.35 4.08 -33.42
N ASP B 275 1.71 4.01 -33.37
CA ASP B 275 2.52 5.11 -32.83
C ASP B 275 2.20 6.44 -33.45
N ALA B 276 2.05 6.48 -34.78
CA ALA B 276 1.87 7.77 -35.50
C ALA B 276 0.57 8.46 -35.08
N VAL B 277 -0.44 7.65 -34.76
CA VAL B 277 -1.69 8.23 -34.31
C VAL B 277 -1.58 8.63 -32.85
N MET B 278 -1.14 7.70 -32.00
CA MET B 278 -1.03 7.92 -30.55
C MET B 278 -0.16 9.11 -30.15
N ASP B 279 0.96 9.25 -30.86
CA ASP B 279 1.92 10.33 -30.60
C ASP B 279 1.71 11.46 -31.59
N GLY B 280 0.58 11.43 -32.31
CA GLY B 280 0.32 12.46 -33.32
C GLY B 280 -0.41 13.69 -32.77
N PRO B 281 -0.69 14.65 -33.65
CA PRO B 281 -1.32 15.91 -33.29
C PRO B 281 -2.77 15.76 -32.81
N ALA B 282 -3.43 14.66 -33.19
CA ALA B 282 -4.81 14.47 -32.77
C ALA B 282 -4.95 13.81 -31.41
N SER B 283 -3.89 13.15 -30.95
CA SER B 283 -3.97 12.37 -29.69
C SER B 283 -4.20 13.24 -28.49
N ALA B 284 -4.97 12.77 -27.52
CA ALA B 284 -5.34 13.60 -26.37
C ALA B 284 -5.26 12.65 -25.23
N VAL B 285 -4.61 11.55 -25.53
CA VAL B 285 -4.36 10.46 -24.60
C VAL B 285 -3.73 10.82 -23.23
N TRP B 286 -2.83 11.82 -23.18
CA TRP B 286 -2.13 12.16 -21.93
C TRP B 286 -2.99 13.05 -21.09
N ASP B 287 -3.65 14.03 -21.72
CA ASP B 287 -4.67 14.85 -21.04
C ASP B 287 -5.82 13.99 -20.53
N GLU B 288 -6.20 12.98 -21.32
CA GLU B 288 -7.26 12.03 -20.95
C GLU B 288 -6.89 11.33 -19.66
N ALA B 289 -5.75 10.62 -19.65
CA ALA B 289 -5.20 9.99 -18.42
C ALA B 289 -5.18 10.97 -17.24
N GLU B 290 -4.76 12.21 -17.47
CA GLU B 290 -4.66 13.15 -16.36
C GLU B 290 -6.01 13.44 -15.76
N ASN B 291 -7.00 13.63 -16.64
CA ASN B 291 -8.39 13.87 -16.19
C ASN B 291 -9.00 12.79 -15.31
N ARG B 292 -8.43 11.58 -15.33
CA ARG B 292 -8.90 10.59 -14.37
C ARG B 292 -8.92 11.20 -12.98
N LEU B 293 -7.86 11.95 -12.64
CA LEU B 293 -7.71 12.54 -11.32
C LEU B 293 -8.76 13.63 -11.06
N HIS B 294 -8.91 14.57 -11.98
CA HIS B 294 -9.86 15.66 -11.76
C HIS B 294 -11.35 15.20 -11.81
N ALA B 295 -11.68 14.32 -12.77
CA ALA B 295 -13.05 13.76 -12.87
C ALA B 295 -13.51 12.94 -11.65
N GLN B 296 -12.65 12.05 -11.16
CA GLN B 296 -13.00 11.21 -10.01
C GLN B 296 -13.10 12.01 -8.73
N LYS B 297 -12.31 13.08 -8.62
CA LYS B 297 -12.41 13.95 -7.45
C LYS B 297 -13.77 14.65 -7.47
N ALA B 298 -14.14 15.22 -8.62
CA ALA B 298 -15.50 15.78 -8.81
C ALA B 298 -16.60 14.76 -8.49
N LEU B 299 -16.58 13.62 -9.14
CA LEU B 299 -17.51 12.54 -8.81
C LEU B 299 -17.65 12.39 -7.29
N LEU B 300 -16.53 12.36 -6.59
CA LEU B 300 -16.54 12.02 -5.17
C LEU B 300 -17.07 13.17 -4.35
N VAL B 301 -16.72 14.39 -4.72
CA VAL B 301 -17.26 15.54 -4.02
C VAL B 301 -18.83 15.54 -4.17
N TRP B 302 -19.27 15.24 -5.39
CA TRP B 302 -20.69 15.20 -5.74
C TRP B 302 -21.40 14.06 -5.04
N LEU B 303 -20.90 12.83 -5.14
CA LEU B 303 -21.54 11.72 -4.43
C LEU B 303 -21.62 11.97 -2.93
N LEU B 304 -20.57 12.51 -2.34
CA LEU B 304 -20.51 12.66 -0.89
C LEU B 304 -21.46 13.70 -0.38
N GLU B 305 -21.62 14.81 -1.11
CA GLU B 305 -22.52 15.81 -0.63
C GLU B 305 -24.01 15.37 -0.80
N ARG B 306 -24.24 14.29 -1.55
CA ARG B 306 -25.58 13.69 -1.73
C ARG B 306 -25.86 12.40 -0.92
N SER B 307 -24.94 12.01 -0.04
CA SER B 307 -25.06 10.74 0.68
C SER B 307 -24.95 10.92 2.19
N VAL C 1 10.66 1.66 31.41
CA VAL C 1 10.82 2.21 30.04
C VAL C 1 10.16 1.22 29.05
N ILE C 2 9.50 1.72 28.01
CA ILE C 2 8.84 0.92 26.93
C ILE C 2 7.75 -0.15 27.25
N ARG C 3 6.52 0.20 26.88
CA ARG C 3 5.39 -0.70 27.06
C ARG C 3 5.03 -1.33 25.71
N HIS C 4 5.12 -2.64 25.63
CA HIS C 4 4.62 -3.41 24.48
C HIS C 4 3.18 -3.88 24.74
N PHE C 5 2.48 -4.28 23.68
CA PHE C 5 1.16 -4.89 23.81
C PHE C 5 1.12 -6.14 22.92
N LEU C 6 1.61 -7.25 23.46
CA LEU C 6 1.73 -8.48 22.71
C LEU C 6 0.65 -9.51 23.11
N ARG C 7 0.03 -9.30 24.27
CA ARG C 7 -1.02 -10.18 24.76
C ARG C 7 -1.79 -9.36 25.80
N ASP C 8 -3.00 -9.79 26.13
CA ASP C 8 -3.95 -8.95 26.88
C ASP C 8 -3.53 -8.57 28.29
N ASP C 9 -2.85 -9.47 28.97
CA ASP C 9 -2.42 -9.20 30.33
C ASP C 9 -1.13 -8.32 30.41
N ASP C 10 -0.65 -7.82 29.26
CA ASP C 10 0.42 -6.81 29.27
C ASP C 10 -0.09 -5.51 29.88
N LEU C 11 -1.43 -5.39 30.02
CA LEU C 11 -2.01 -4.26 30.74
C LEU C 11 -2.50 -4.82 32.09
N SER C 12 -2.31 -4.06 33.16
CA SER C 12 -2.92 -4.42 34.44
C SER C 12 -4.44 -4.08 34.40
N PRO C 13 -5.24 -4.53 35.40
CA PRO C 13 -6.63 -4.10 35.42
C PRO C 13 -6.81 -2.57 35.38
N ALA C 14 -6.05 -1.80 36.18
CA ALA C 14 -6.21 -0.36 36.17
C ALA C 14 -5.79 0.20 34.80
N GLU C 15 -4.79 -0.40 34.17
CA GLU C 15 -4.31 0.16 32.90
C GLU C 15 -5.32 -0.08 31.78
N GLN C 16 -5.85 -1.30 31.72
CA GLN C 16 -6.90 -1.60 30.76
C GLN C 16 -8.07 -0.65 30.89
N ALA C 17 -8.45 -0.36 32.13
CA ALA C 17 -9.56 0.58 32.38
C ALA C 17 -9.25 1.95 31.81
N GLU C 18 -7.98 2.37 31.89
CA GLU C 18 -7.52 3.64 31.32
C GLU C 18 -7.63 3.68 29.80
N VAL C 19 -7.17 2.60 29.18
CA VAL C 19 -7.28 2.44 27.74
C VAL C 19 -8.75 2.45 27.26
N LEU C 20 -9.64 1.69 27.92
CA LEU C 20 -11.09 1.67 27.56
C LEU C 20 -11.82 3.01 27.77
N GLU C 21 -11.41 3.75 28.80
CA GLU C 21 -12.01 5.05 29.05
C GLU C 21 -11.61 6.00 27.93
N LEU C 22 -10.36 5.88 27.49
CA LEU C 22 -9.87 6.72 26.41
C LEU C 22 -10.49 6.35 25.05
N ALA C 23 -10.72 5.06 24.84
CA ALA C 23 -11.46 4.55 23.68
C ALA C 23 -12.85 5.21 23.58
N ALA C 24 -13.58 5.20 24.69
CA ALA C 24 -14.86 5.93 24.79
C ALA C 24 -14.73 7.38 24.38
N GLU C 25 -13.73 8.08 24.93
CA GLU C 25 -13.51 9.51 24.65
C GLU C 25 -13.15 9.80 23.19
N LEU C 26 -12.32 8.96 22.60
CA LEU C 26 -11.96 9.12 21.21
C LEU C 26 -13.09 8.79 20.22
N LYS C 27 -13.98 7.86 20.58
CA LYS C 27 -15.19 7.61 19.79
C LYS C 27 -16.01 8.89 19.71
N LYS C 28 -16.14 9.56 20.84
CA LYS C 28 -16.82 10.87 20.90
C LYS C 28 -16.07 12.01 20.16
N ASP C 29 -14.75 12.13 20.34
CA ASP C 29 -13.92 13.11 19.62
C ASP C 29 -12.73 12.45 18.89
N PRO C 30 -12.97 11.97 17.65
CA PRO C 30 -11.98 11.15 16.95
C PRO C 30 -10.67 11.79 16.48
N VAL C 31 -10.65 13.11 16.32
CA VAL C 31 -9.46 13.76 15.76
C VAL C 31 -8.85 14.77 16.73
N SER C 32 -9.27 14.74 17.99
CA SER C 32 -8.79 15.72 18.92
C SER C 32 -7.43 15.34 19.57
N ARG C 33 -6.99 14.07 19.52
CA ARG C 33 -5.65 13.70 19.98
C ARG C 33 -4.74 13.52 18.78
N ARG C 34 -3.63 14.25 18.75
CA ARG C 34 -2.72 14.11 17.62
C ARG C 34 -1.27 13.81 18.00
N PRO C 35 -1.02 12.73 18.75
CA PRO C 35 0.33 12.54 19.24
C PRO C 35 1.30 12.13 18.15
N LEU C 36 0.81 11.84 16.95
CA LEU C 36 1.69 11.40 15.87
C LEU C 36 1.75 12.45 14.79
N GLN C 37 1.37 13.67 15.13
CA GLN C 37 1.41 14.71 14.11
C GLN C 37 2.86 14.95 13.64
N GLY C 38 3.00 15.50 12.44
CA GLY C 38 4.27 15.55 11.75
C GLY C 38 4.12 15.35 10.25
N PRO C 39 3.78 14.14 9.80
CA PRO C 39 3.49 12.89 10.50
C PRO C 39 4.69 12.08 10.99
N ARG C 40 4.52 11.47 12.18
CA ARG C 40 5.40 10.41 12.63
C ARG C 40 4.88 9.17 11.97
N GLY C 41 5.70 8.14 11.84
CA GLY C 41 5.29 6.93 11.15
C GLY C 41 4.89 5.90 12.18
N VAL C 42 4.14 4.87 11.74
CA VAL C 42 3.91 3.62 12.47
C VAL C 42 4.06 2.52 11.44
N ALA C 43 4.74 1.43 11.75
CA ALA C 43 4.82 0.33 10.79
C ALA C 43 3.62 -0.55 11.04
N VAL C 44 2.93 -0.94 9.97
CA VAL C 44 1.86 -1.98 10.04
C VAL C 44 2.18 -3.12 9.05
N ILE C 45 2.54 -4.29 9.59
CA ILE C 45 3.11 -5.34 8.77
C ILE C 45 2.21 -6.55 8.83
N PHE C 46 1.88 -7.08 7.65
CA PHE C 46 0.97 -8.24 7.54
C PHE C 46 1.66 -9.51 7.04
N ASP C 47 1.65 -10.58 7.85
CA ASP C 47 1.95 -11.93 7.32
C ASP C 47 0.67 -12.70 6.93
N LYS C 48 -0.51 -12.23 7.36
CA LYS C 48 -1.80 -12.93 7.12
C LYS C 48 -2.80 -12.00 6.42
N ASN C 49 -3.96 -12.55 6.00
CA ASN C 49 -5.07 -11.73 5.48
C ASN C 49 -5.62 -10.76 6.52
N SER C 50 -6.13 -9.64 6.03
CA SER C 50 -6.97 -8.79 6.88
C SER C 50 -7.87 -7.82 6.11
N THR C 51 -9.03 -7.50 6.69
CA THR C 51 -9.86 -6.35 6.31
C THR C 51 -10.02 -5.38 7.49
N ARG C 52 -10.49 -5.89 8.62
CA ARG C 52 -10.79 -5.01 9.75
C ARG C 52 -9.48 -4.44 10.34
N THR C 53 -8.49 -5.30 10.58
CA THR C 53 -7.19 -4.84 11.14
C THR C 53 -6.49 -3.82 10.22
N ARG C 54 -6.37 -4.19 8.94
CA ARG C 54 -5.84 -3.31 7.93
C ARG C 54 -6.47 -1.92 7.96
N PHE C 55 -7.80 -1.83 7.82
CA PHE C 55 -8.50 -0.54 7.77
C PHE C 55 -8.47 0.25 9.07
N SER C 56 -8.71 -0.42 10.21
CA SER C 56 -8.84 0.28 11.46
C SER C 56 -7.46 0.87 11.87
N PHE C 57 -6.37 0.08 11.77
CA PHE C 57 -5.04 0.65 12.10
C PHE C 57 -4.63 1.73 11.11
N GLU C 58 -4.76 1.48 9.80
CA GLU C 58 -4.26 2.44 8.85
C GLU C 58 -4.93 3.81 9.07
N LEU C 59 -6.26 3.82 9.22
CA LEU C 59 -7.01 5.06 9.41
C LEU C 59 -6.91 5.66 10.80
N GLY C 60 -6.88 4.81 11.81
CA GLY C 60 -6.74 5.24 13.18
C GLY C 60 -5.40 5.97 13.37
N ILE C 61 -4.36 5.50 12.68
CA ILE C 61 -3.02 6.14 12.79
C ILE C 61 -3.07 7.51 12.08
N ALA C 62 -3.71 7.56 10.92
CA ALA C 62 -3.86 8.84 10.20
C ALA C 62 -4.67 9.90 10.99
N GLN C 63 -5.63 9.44 11.79
CA GLN C 63 -6.47 10.33 12.58
C GLN C 63 -5.77 10.78 13.87
N LEU C 64 -4.70 10.07 14.23
CA LEU C 64 -3.79 10.47 15.28
C LEU C 64 -2.72 11.39 14.77
N GLY C 65 -2.81 11.80 13.52
CA GLY C 65 -1.87 12.75 12.97
C GLY C 65 -0.76 12.10 12.17
N GLY C 66 -0.60 10.79 12.34
CA GLY C 66 0.53 10.08 11.78
C GLY C 66 0.35 9.51 10.40
N HIS C 67 1.23 8.61 10.02
CA HIS C 67 1.14 7.99 8.72
C HIS C 67 1.54 6.54 8.91
N ALA C 68 0.66 5.62 8.51
CA ALA C 68 0.95 4.20 8.60
C ALA C 68 1.73 3.77 7.37
N VAL C 69 2.82 3.02 7.55
CA VAL C 69 3.49 2.38 6.40
C VAL C 69 3.07 0.95 6.52
N VAL C 70 2.21 0.53 5.60
CA VAL C 70 1.54 -0.77 5.64
C VAL C 70 2.23 -1.65 4.62
N VAL C 71 2.64 -2.86 4.99
CA VAL C 71 3.36 -3.71 4.03
C VAL C 71 3.00 -5.12 4.31
N ASP C 72 3.02 -5.94 3.27
CA ASP C 72 3.12 -7.42 3.38
C ASP C 72 4.59 -7.69 3.64
N SER C 73 4.90 -8.41 4.73
CA SER C 73 6.27 -8.74 5.06
C SER C 73 7.01 -9.45 3.95
N GLY C 74 6.28 -10.16 3.12
CA GLY C 74 6.89 -10.91 2.04
C GLY C 74 7.52 -10.05 0.97
N SER C 75 7.19 -8.77 0.94
CA SER C 75 7.87 -7.95 -0.03
C SER C 75 8.94 -7.04 0.62
N THR C 76 9.15 -7.22 1.93
CA THR C 76 10.23 -6.59 2.63
C THR C 76 11.41 -7.57 2.63
N GLN C 77 12.54 -7.16 3.21
CA GLN C 77 13.72 -8.02 3.23
C GLN C 77 13.54 -9.15 4.24
N LEU C 78 12.47 -9.07 5.04
CA LEU C 78 12.01 -10.23 5.82
C LEU C 78 11.80 -11.41 4.86
N GLY C 79 11.46 -11.12 3.61
CA GLY C 79 11.25 -12.16 2.62
C GLY C 79 12.53 -12.71 2.03
N ARG C 80 13.67 -12.10 2.42
CA ARG C 80 15.00 -12.59 2.04
C ARG C 80 15.81 -12.88 3.30
N ASP C 81 15.11 -13.19 4.38
CA ASP C 81 15.71 -13.68 5.62
C ASP C 81 16.52 -12.66 6.40
N GLU C 82 16.34 -11.35 6.18
CA GLU C 82 16.84 -10.39 7.16
C GLU C 82 16.27 -10.81 8.51
N THR C 83 17.04 -10.71 9.59
CA THR C 83 16.54 -11.22 10.85
C THR C 83 15.49 -10.27 11.47
N LEU C 84 14.74 -10.80 12.42
CA LEU C 84 13.64 -10.06 12.97
C LEU C 84 14.21 -8.99 13.85
N GLN C 85 15.33 -9.31 14.52
CA GLN C 85 16.00 -8.30 15.34
C GLN C 85 16.59 -7.18 14.50
N ASP C 86 17.28 -7.51 13.41
CA ASP C 86 17.79 -6.40 12.56
C ASP C 86 16.66 -5.54 12.06
N THR C 87 15.57 -6.18 11.63
CA THR C 87 14.39 -5.46 11.12
C THR C 87 13.81 -4.50 12.16
N ALA C 88 13.70 -4.99 13.40
CA ALA C 88 13.15 -4.21 14.51
C ALA C 88 14.01 -3.02 14.85
N LYS C 89 15.34 -3.25 14.89
CA LYS C 89 16.30 -2.16 15.13
C LYS C 89 16.21 -1.10 14.06
N VAL C 90 16.17 -1.49 12.80
CA VAL C 90 15.97 -0.52 11.71
C VAL C 90 14.61 0.22 11.72
N LEU C 91 13.52 -0.51 12.02
CA LEU C 91 12.19 0.15 12.05
C LEU C 91 12.14 1.15 13.19
N SER C 92 12.80 0.85 14.31
CA SER C 92 12.81 1.81 15.41
C SER C 92 13.46 3.14 15.04
N ARG C 93 14.10 3.19 13.87
CA ARG C 93 14.67 4.44 13.35
C ARG C 93 13.72 5.29 12.47
N TYR C 94 12.60 4.72 12.05
CA TYR C 94 11.67 5.39 11.15
C TYR C 94 10.33 5.68 11.84
N VAL C 95 9.88 4.76 12.69
CA VAL C 95 8.49 4.76 13.16
C VAL C 95 8.43 4.77 14.67
N ASP C 96 7.27 5.21 15.21
CA ASP C 96 7.09 5.36 16.66
C ASP C 96 6.45 4.13 17.29
N ALA C 97 6.06 3.14 16.48
CA ALA C 97 5.44 1.92 16.97
C ALA C 97 5.46 0.90 15.86
N ILE C 98 5.49 -0.37 16.20
CA ILE C 98 5.47 -1.42 15.17
C ILE C 98 4.23 -2.30 15.40
N VAL C 99 3.33 -2.37 14.41
CA VAL C 99 2.08 -3.16 14.53
C VAL C 99 2.24 -4.38 13.64
N TRP C 100 2.13 -5.58 14.20
CA TRP C 100 2.47 -6.72 13.36
C TRP C 100 1.43 -7.82 13.53
N ARG C 101 0.93 -8.32 12.39
CA ARG C 101 0.01 -9.43 12.34
C ARG C 101 0.80 -10.65 11.95
N THR C 102 0.90 -11.64 12.81
CA THR C 102 1.86 -12.67 12.47
C THR C 102 1.40 -14.05 12.94
N PHE C 103 2.32 -15.03 12.87
CA PHE C 103 2.13 -16.41 13.28
C PHE C 103 2.53 -16.64 14.72
N GLY C 104 3.64 -17.34 14.97
CA GLY C 104 4.06 -17.63 16.34
C GLY C 104 4.20 -16.38 17.16
N GLN C 105 3.80 -16.43 18.43
CA GLN C 105 4.08 -15.39 19.41
C GLN C 105 5.62 -15.07 19.55
N GLU C 106 6.46 -16.10 19.46
CA GLU C 106 7.91 -15.95 19.53
C GLU C 106 8.48 -14.89 18.57
N ARG C 107 7.84 -14.69 17.42
CA ARG C 107 8.28 -13.69 16.44
C ARG C 107 8.05 -12.27 16.95
N LEU C 108 6.97 -12.07 17.70
CA LEU C 108 6.68 -10.77 18.29
C LEU C 108 7.62 -10.51 19.45
N ASP C 109 7.98 -11.58 20.15
CA ASP C 109 8.88 -11.49 21.27
C ASP C 109 10.29 -11.13 20.78
N ALA C 110 10.72 -11.75 19.67
CA ALA C 110 11.99 -11.40 19.04
C ALA C 110 12.08 -9.92 18.69
N MET C 111 11.04 -9.37 18.05
CA MET C 111 11.05 -7.93 17.77
C MET C 111 10.99 -7.07 19.05
N ALA C 112 10.19 -7.48 20.04
CA ALA C 112 10.01 -6.66 21.22
C ALA C 112 11.28 -6.67 22.11
N SER C 113 12.16 -7.64 21.89
CA SER C 113 13.33 -7.82 22.73
C SER C 113 14.39 -6.79 22.39
N VAL C 114 14.45 -6.33 21.13
CA VAL C 114 15.39 -5.28 20.74
C VAL C 114 14.79 -3.93 20.33
N ALA C 115 13.46 -3.83 20.12
CA ALA C 115 12.87 -2.60 19.56
C ALA C 115 12.93 -1.51 20.56
N THR C 116 13.02 -0.27 20.09
CA THR C 116 13.04 0.84 21.04
C THR C 116 11.75 1.66 20.97
N VAL C 117 10.71 1.06 20.38
CA VAL C 117 9.34 1.61 20.24
C VAL C 117 8.34 0.49 20.54
N PRO C 118 7.10 0.82 20.96
CA PRO C 118 6.14 -0.29 21.23
C PRO C 118 5.87 -1.19 20.04
N VAL C 119 5.93 -2.48 20.29
CA VAL C 119 5.47 -3.51 19.41
C VAL C 119 4.05 -3.90 19.88
N ILE C 120 3.15 -4.08 18.90
CA ILE C 120 1.71 -4.33 19.12
C ILE C 120 1.28 -5.53 18.29
N ASN C 121 0.69 -6.52 18.96
CA ASN C 121 0.20 -7.75 18.36
C ASN C 121 -1.11 -7.50 17.60
N ALA C 122 -1.10 -7.47 16.26
CA ALA C 122 -2.36 -7.21 15.52
C ALA C 122 -3.07 -8.50 15.08
N LEU C 123 -2.69 -9.59 15.75
CA LEU C 123 -3.13 -10.98 15.64
C LEU C 123 -1.90 -11.86 15.54
N SER C 124 -1.87 -12.90 16.37
CA SER C 124 -0.89 -13.96 16.23
C SER C 124 -1.63 -15.32 16.40
N ASP C 125 -0.94 -16.43 16.13
CA ASP C 125 -1.49 -17.71 16.46
C ASP C 125 -2.03 -17.77 17.89
N GLU C 126 -1.37 -17.14 18.87
CA GLU C 126 -1.85 -17.35 20.25
C GLU C 126 -2.78 -16.34 20.90
N PHE C 127 -2.81 -15.10 20.41
CA PHE C 127 -3.56 -14.02 21.05
C PHE C 127 -4.04 -13.07 19.98
N HIS C 128 -5.13 -12.35 20.28
CA HIS C 128 -5.66 -11.28 19.40
C HIS C 128 -6.12 -10.15 20.31
N PRO C 129 -5.17 -9.44 20.94
CA PRO C 129 -5.56 -8.60 22.09
C PRO C 129 -6.20 -7.28 21.73
N CYS C 130 -5.95 -6.81 20.51
CA CYS C 130 -6.60 -5.58 20.07
C CYS C 130 -8.08 -5.81 19.77
N GLN C 131 -8.43 -7.05 19.40
CA GLN C 131 -9.83 -7.40 19.16
C GLN C 131 -10.59 -7.34 20.46
N VAL C 132 -10.01 -7.94 21.50
CA VAL C 132 -10.69 -7.97 22.79
C VAL C 132 -10.89 -6.57 23.43
N LEU C 133 -10.03 -5.63 23.11
CA LEU C 133 -10.23 -4.30 23.65
C LEU C 133 -11.46 -3.67 23.00
N ALA C 134 -11.60 -3.84 21.69
CA ALA C 134 -12.80 -3.44 20.95
C ALA C 134 -14.07 -4.15 21.52
N ASP C 135 -14.02 -5.48 21.71
CA ASP C 135 -15.08 -6.24 22.39
C ASP C 135 -15.52 -5.60 23.71
N LEU C 136 -14.54 -5.29 24.55
CA LEU C 136 -14.80 -4.74 25.86
C LEU C 136 -15.39 -3.35 25.74
N GLN C 137 -14.93 -2.56 24.77
CA GLN C 137 -15.46 -1.24 24.56
C GLN C 137 -16.95 -1.41 24.17
N THR C 138 -17.24 -2.42 23.35
CA THR C 138 -18.63 -2.57 22.90
C THR C 138 -19.56 -3.11 24.01
N ILE C 139 -19.07 -4.07 24.78
CA ILE C 139 -19.76 -4.47 25.99
C ILE C 139 -20.07 -3.28 26.90
N ALA C 140 -19.06 -2.47 27.22
CA ALA C 140 -19.22 -1.36 28.16
C ALA C 140 -20.21 -0.28 27.71
N GLU C 141 -20.22 0.06 26.41
CA GLU C 141 -21.13 1.11 25.96
C GLU C 141 -22.59 0.60 25.91
N ARG C 142 -22.75 -0.72 25.95
CA ARG C 142 -24.08 -1.31 26.01
C ARG C 142 -24.54 -1.70 27.41
N LYS C 143 -23.62 -2.06 28.29
CA LYS C 143 -24.02 -2.55 29.60
C LYS C 143 -23.47 -1.76 30.78
N GLY C 144 -22.64 -0.75 30.54
CA GLY C 144 -22.02 -0.03 31.65
C GLY C 144 -20.81 -0.75 32.26
N ALA C 145 -20.84 -0.95 33.56
CA ALA C 145 -19.71 -1.56 34.26
C ALA C 145 -19.41 -2.93 33.69
N LEU C 146 -18.14 -3.28 33.60
CA LEU C 146 -17.72 -4.57 33.08
C LEU C 146 -17.62 -5.59 34.21
N ARG C 147 -17.20 -5.12 35.37
CA ARG C 147 -16.98 -5.97 36.51
C ARG C 147 -18.20 -6.85 36.79
N GLY C 148 -18.02 -8.16 36.85
CA GLY C 148 -19.15 -9.01 37.25
C GLY C 148 -20.01 -9.54 36.10
N LEU C 149 -19.84 -9.00 34.90
CA LEU C 149 -20.53 -9.56 33.75
C LEU C 149 -20.14 -11.01 33.57
N ARG C 150 -20.98 -11.74 32.85
CA ARG C 150 -20.77 -13.13 32.56
C ARG C 150 -20.62 -13.23 31.07
N LEU C 151 -19.46 -13.66 30.59
CA LEU C 151 -19.21 -13.78 29.16
C LEU C 151 -18.97 -15.22 28.84
N SER C 152 -19.53 -15.72 27.74
CA SER C 152 -19.17 -17.05 27.29
C SER C 152 -18.76 -17.04 25.86
N TYR C 153 -17.70 -17.80 25.57
CA TYR C 153 -17.21 -17.97 24.22
C TYR C 153 -17.44 -19.41 23.80
N PHE C 154 -17.75 -19.61 22.51
CA PHE C 154 -18.12 -20.92 22.03
C PHE C 154 -17.29 -21.32 20.83
N GLY C 155 -16.82 -22.56 20.79
CA GLY C 155 -16.27 -23.03 19.53
C GLY C 155 -14.86 -23.57 19.69
N ASP C 156 -13.94 -23.10 18.85
CA ASP C 156 -12.53 -23.50 18.95
C ASP C 156 -11.94 -22.80 20.18
N GLY C 157 -11.92 -23.47 21.33
CA GLY C 157 -11.42 -22.81 22.54
C GLY C 157 -9.89 -22.79 22.67
N ALA C 158 -9.16 -23.27 21.65
CA ALA C 158 -7.70 -23.24 21.64
C ALA C 158 -7.12 -22.09 20.77
N ASN C 159 -7.96 -21.21 20.25
CA ASN C 159 -7.50 -20.26 19.25
C ASN C 159 -7.16 -18.92 19.89
N ASN C 160 -6.76 -17.95 19.09
CA ASN C 160 -6.28 -16.69 19.65
C ASN C 160 -7.36 -15.94 20.38
N MET C 161 -8.60 -16.03 19.87
CA MET C 161 -9.74 -15.34 20.45
C MET C 161 -10.05 -15.92 21.80
N ALA C 162 -10.03 -17.23 21.92
CA ALA C 162 -10.35 -17.84 23.20
C ALA C 162 -9.33 -17.41 24.26
N HIS C 163 -8.02 -17.58 23.95
CA HIS C 163 -6.93 -17.06 24.84
C HIS C 163 -7.07 -15.59 25.18
N SER C 164 -7.23 -14.73 24.17
CA SER C 164 -7.41 -13.30 24.44
C SER C 164 -8.69 -12.94 25.21
N LEU C 165 -9.83 -13.57 24.90
CA LEU C 165 -11.05 -13.36 25.69
C LEU C 165 -10.87 -13.78 27.16
N LEU C 166 -10.15 -14.89 27.39
CA LEU C 166 -9.85 -15.31 28.76
C LEU C 166 -9.02 -14.26 29.49
N LEU C 167 -8.05 -13.65 28.81
CA LEU C 167 -7.08 -12.78 29.54
C LEU C 167 -7.58 -11.37 29.68
N GLY C 168 -8.10 -10.80 28.60
CA GLY C 168 -8.70 -9.46 28.64
C GLY C 168 -9.99 -9.42 29.44
N GLY C 169 -10.72 -10.54 29.44
CA GLY C 169 -11.98 -10.64 30.16
C GLY C 169 -11.73 -10.59 31.64
N VAL C 170 -10.92 -11.51 32.17
CA VAL C 170 -10.67 -11.51 33.62
C VAL C 170 -9.94 -10.26 34.15
N THR C 171 -9.22 -9.56 33.27
CA THR C 171 -8.52 -8.31 33.60
C THR C 171 -9.55 -7.25 33.82
N ALA C 172 -10.69 -7.39 33.14
CA ALA C 172 -11.80 -6.47 33.26
C ALA C 172 -12.75 -6.82 34.41
N GLY C 173 -12.47 -7.89 35.14
CA GLY C 173 -13.39 -8.35 36.19
C GLY C 173 -14.59 -9.19 35.68
N ILE C 174 -14.48 -9.73 34.47
CA ILE C 174 -15.56 -10.50 33.84
C ILE C 174 -15.36 -12.00 34.08
N HIS C 175 -16.42 -12.69 34.51
CA HIS C 175 -16.42 -14.14 34.64
C HIS C 175 -16.47 -14.78 33.24
N VAL C 176 -15.39 -15.47 32.86
CA VAL C 176 -15.27 -15.91 31.48
C VAL C 176 -15.44 -17.41 31.45
N THR C 177 -16.18 -17.88 30.45
CA THR C 177 -16.40 -19.29 30.26
C THR C 177 -16.00 -19.60 28.82
N VAL C 178 -15.27 -20.68 28.64
CA VAL C 178 -14.95 -21.13 27.29
C VAL C 178 -15.62 -22.47 27.16
N ALA C 179 -16.46 -22.58 26.14
CA ALA C 179 -17.28 -23.77 25.91
C ALA C 179 -16.76 -24.36 24.61
N ALA C 180 -16.19 -25.57 24.68
CA ALA C 180 -15.56 -26.13 23.50
C ALA C 180 -15.48 -27.65 23.58
N PRO C 181 -15.37 -28.33 22.44
CA PRO C 181 -15.18 -29.76 22.51
C PRO C 181 -13.83 -30.11 23.15
N GLU C 182 -13.71 -31.32 23.69
CA GLU C 182 -12.56 -31.73 24.47
C GLU C 182 -11.26 -31.56 23.75
N GLY C 183 -11.27 -31.59 22.42
CA GLY C 183 -10.02 -31.55 21.68
C GLY C 183 -9.57 -30.15 21.29
N PHE C 184 -10.21 -29.12 21.84
CA PHE C 184 -9.98 -27.71 21.46
C PHE C 184 -10.17 -26.78 22.65
N LEU C 185 -9.51 -27.14 23.74
CA LEU C 185 -9.57 -26.38 24.97
C LEU C 185 -8.42 -25.35 25.04
N PRO C 186 -8.59 -24.31 25.88
CA PRO C 186 -7.49 -23.35 26.04
C PRO C 186 -6.19 -24.02 26.47
N ASP C 187 -5.08 -23.53 25.88
CA ASP C 187 -3.74 -23.86 26.41
C ASP C 187 -3.72 -23.70 27.93
N PRO C 188 -3.35 -24.77 28.63
CA PRO C 188 -3.44 -24.74 30.10
C PRO C 188 -2.59 -23.66 30.77
N SER C 189 -1.51 -23.22 30.12
CA SER C 189 -0.70 -22.17 30.77
C SER C 189 -1.31 -20.81 30.53
N VAL C 190 -1.91 -20.59 29.35
CA VAL C 190 -2.84 -19.41 29.24
C VAL C 190 -3.96 -19.46 30.29
N ARG C 191 -4.57 -20.64 30.46
CA ARG C 191 -5.67 -20.77 31.43
C ARG C 191 -5.20 -20.48 32.85
N ALA C 192 -4.03 -21.00 33.22
CA ALA C 192 -3.42 -20.68 34.53
C ALA C 192 -3.14 -19.17 34.70
N ALA C 193 -2.53 -18.55 33.69
CA ALA C 193 -2.32 -17.09 33.72
C ALA C 193 -3.63 -16.31 33.95
N ALA C 194 -4.68 -16.69 33.21
CA ALA C 194 -6.04 -16.14 33.41
C ALA C 194 -6.59 -16.36 34.83
N GLU C 195 -6.41 -17.56 35.39
CA GLU C 195 -6.85 -17.80 36.76
C GLU C 195 -6.13 -16.94 37.78
N ARG C 196 -4.83 -16.69 37.55
CA ARG C 196 -4.02 -15.85 38.42
C ARG C 196 -4.53 -14.40 38.34
N ARG C 197 -4.70 -13.90 37.12
CA ARG C 197 -5.20 -12.54 36.93
C ARG C 197 -6.61 -12.40 37.51
N ALA C 198 -7.41 -13.46 37.44
CA ALA C 198 -8.79 -13.44 37.97
C ALA C 198 -8.85 -13.22 39.48
N GLN C 199 -7.86 -13.76 40.19
CA GLN C 199 -7.77 -13.61 41.65
C GLN C 199 -7.63 -12.14 42.05
N ASP C 200 -6.92 -11.37 41.24
CA ASP C 200 -6.81 -9.93 41.46
C ASP C 200 -8.07 -9.11 41.19
N THR C 201 -8.99 -9.61 40.35
CA THR C 201 -10.09 -8.76 39.88
C THR C 201 -11.47 -9.21 40.36
N GLY C 202 -11.53 -10.38 40.98
CA GLY C 202 -12.78 -10.98 41.44
C GLY C 202 -13.44 -11.78 40.34
N ALA C 203 -12.74 -11.98 39.22
CA ALA C 203 -13.27 -12.71 38.10
C ALA C 203 -13.15 -14.20 38.32
N SER C 204 -13.47 -14.97 37.30
CA SER C 204 -13.34 -16.41 37.35
C SER C 204 -13.10 -16.90 35.93
N VAL C 205 -12.62 -18.13 35.83
CA VAL C 205 -12.35 -18.80 34.55
C VAL C 205 -13.06 -20.15 34.63
N THR C 206 -13.84 -20.47 33.59
CA THR C 206 -14.52 -21.79 33.51
C THR C 206 -14.26 -22.39 32.15
N VAL C 207 -13.86 -23.65 32.11
CA VAL C 207 -13.75 -24.37 30.83
C VAL C 207 -14.77 -25.50 30.83
N THR C 208 -15.64 -25.50 29.82
CA THR C 208 -16.72 -26.49 29.72
C THR C 208 -16.87 -27.05 28.30
N ALA C 209 -17.29 -28.31 28.23
CA ALA C 209 -17.66 -28.93 26.97
C ALA C 209 -19.22 -28.92 26.77
N ASP C 210 -19.94 -28.22 27.65
CA ASP C 210 -21.42 -28.12 27.60
C ASP C 210 -21.85 -26.71 27.17
N ALA C 211 -22.14 -26.52 25.88
CA ALA C 211 -22.67 -25.23 25.38
C ALA C 211 -23.90 -24.68 26.13
N HIS C 212 -24.81 -25.56 26.52
CA HIS C 212 -26.06 -25.15 27.15
C HIS C 212 -25.80 -24.58 28.52
N ALA C 213 -24.88 -25.22 29.26
CA ALA C 213 -24.47 -24.68 30.55
C ALA C 213 -23.77 -23.33 30.39
N ALA C 214 -23.01 -23.17 29.32
CA ALA C 214 -22.25 -21.93 29.09
C ALA C 214 -23.15 -20.77 28.70
N ALA C 215 -24.22 -21.06 27.94
CA ALA C 215 -25.15 -20.01 27.53
C ALA C 215 -26.06 -19.58 28.68
N ALA C 216 -26.37 -20.51 29.60
CA ALA C 216 -27.37 -20.26 30.65
C ALA C 216 -27.05 -19.00 31.43
N GLY C 217 -27.89 -18.00 31.25
CA GLY C 217 -27.71 -16.74 32.00
C GLY C 217 -26.53 -15.88 31.61
N ALA C 218 -25.86 -16.19 30.49
CA ALA C 218 -24.72 -15.39 30.03
C ALA C 218 -25.14 -13.95 29.69
N ASP C 219 -24.26 -12.97 29.94
CA ASP C 219 -24.51 -11.56 29.57
C ASP C 219 -23.99 -11.24 28.18
N VAL C 220 -22.99 -11.99 27.74
CA VAL C 220 -22.37 -11.77 26.44
C VAL C 220 -22.07 -13.15 25.94
N LEU C 221 -22.23 -13.35 24.64
CA LEU C 221 -22.01 -14.65 24.03
C LEU C 221 -21.18 -14.35 22.80
N VAL C 222 -20.10 -15.10 22.61
CA VAL C 222 -19.12 -14.70 21.61
C VAL C 222 -18.77 -15.95 20.88
N THR C 223 -18.53 -15.87 19.57
CA THR C 223 -17.92 -17.00 18.87
C THR C 223 -16.93 -16.47 17.83
N ASP C 224 -16.37 -17.36 17.02
CA ASP C 224 -15.38 -16.98 15.99
C ASP C 224 -15.35 -18.14 14.99
N THR C 225 -14.71 -17.94 13.85
CA THR C 225 -14.51 -18.99 12.89
C THR C 225 -14.00 -20.31 13.54
N TRP C 226 -14.31 -21.43 12.92
CA TRP C 226 -13.87 -22.74 13.40
C TRP C 226 -12.57 -23.17 12.68
N THR C 227 -12.26 -22.48 11.58
CA THR C 227 -10.97 -22.64 10.90
C THR C 227 -10.29 -21.29 10.80
N SER C 228 -9.29 -21.09 11.67
CA SER C 228 -8.54 -19.84 11.71
C SER C 228 -7.48 -19.85 10.59
N MET C 229 -7.01 -18.67 10.21
CA MET C 229 -5.84 -18.52 9.33
C MET C 229 -4.66 -19.30 9.89
N GLY C 230 -4.19 -20.27 9.12
CA GLY C 230 -3.10 -21.14 9.53
C GLY C 230 -3.59 -22.53 9.88
N GLN C 231 -4.90 -22.71 9.94
CA GLN C 231 -5.46 -24.04 10.23
C GLN C 231 -5.95 -24.76 8.97
N GLU C 232 -6.07 -24.03 7.84
CA GLU C 232 -6.60 -24.56 6.55
C GLU C 232 -6.11 -25.96 6.15
N ASN C 233 -4.85 -26.26 6.46
CA ASN C 233 -4.21 -27.50 6.04
C ASN C 233 -3.79 -28.41 7.18
N ASP C 234 -4.31 -28.18 8.38
CA ASP C 234 -3.99 -29.10 9.49
C ASP C 234 -4.60 -30.50 9.29
N GLY C 235 -5.47 -30.62 8.28
CA GLY C 235 -6.10 -31.89 7.90
C GLY C 235 -7.30 -32.34 8.74
N LEU C 236 -7.59 -31.62 9.83
CA LEU C 236 -8.68 -31.92 10.74
C LEU C 236 -10.05 -31.55 10.15
N ASP C 237 -11.09 -32.32 10.50
CA ASP C 237 -12.48 -31.94 10.26
C ASP C 237 -12.84 -30.81 11.26
N ARG C 238 -13.03 -29.61 10.74
CA ARG C 238 -13.35 -28.49 11.64
C ARG C 238 -14.80 -28.02 11.46
N VAL C 239 -15.71 -28.97 11.24
CA VAL C 239 -17.15 -28.71 11.29
C VAL C 239 -17.77 -29.61 12.37
N LYS C 240 -17.66 -30.91 12.17
CA LYS C 240 -18.36 -31.90 12.99
C LYS C 240 -18.21 -31.76 14.53
N PRO C 241 -16.97 -31.61 15.07
CA PRO C 241 -16.88 -31.45 16.55
C PRO C 241 -17.57 -30.18 17.08
N PHE C 242 -17.67 -29.15 16.25
CA PHE C 242 -18.10 -27.85 16.73
C PHE C 242 -19.61 -27.62 16.62
N ARG C 243 -20.33 -28.46 15.87
CA ARG C 243 -21.80 -28.27 15.69
C ARG C 243 -22.59 -27.97 16.98
N PRO C 244 -22.38 -28.74 18.07
CA PRO C 244 -23.07 -28.40 19.31
C PRO C 244 -22.80 -27.02 19.89
N PHE C 245 -21.75 -26.35 19.40
CA PHE C 245 -21.31 -25.08 19.98
C PHE C 245 -21.80 -23.93 19.12
N GLN C 246 -22.57 -24.24 18.10
CA GLN C 246 -23.06 -23.22 17.20
C GLN C 246 -23.87 -22.16 17.95
N LEU C 247 -23.70 -20.90 17.56
CA LEU C 247 -24.47 -19.81 18.17
C LEU C 247 -25.73 -19.61 17.34
N ASN C 248 -26.84 -20.20 17.77
CA ASN C 248 -28.11 -20.11 17.07
C ASN C 248 -29.19 -19.67 18.04
N SER C 249 -30.43 -19.53 17.54
CA SER C 249 -31.50 -18.91 18.31
C SER C 249 -31.84 -19.67 19.56
N ARG C 250 -31.71 -20.98 19.52
CA ARG C 250 -32.09 -21.82 20.65
C ARG C 250 -31.06 -21.74 21.76
N LEU C 251 -29.78 -21.67 21.39
CA LEU C 251 -28.74 -21.36 22.36
C LEU C 251 -28.88 -19.94 22.89
N LEU C 252 -29.06 -18.99 22.00
CA LEU C 252 -29.24 -17.62 22.46
C LEU C 252 -30.40 -17.52 23.48
N ALA C 253 -31.55 -18.17 23.19
CA ALA C 253 -32.72 -18.17 24.10
C ALA C 253 -32.44 -18.52 25.57
N LEU C 254 -31.36 -19.28 25.83
CA LEU C 254 -30.92 -19.62 27.21
C LEU C 254 -30.22 -18.49 27.97
N ALA C 255 -29.73 -17.48 27.24
CA ALA C 255 -28.92 -16.43 27.83
C ALA C 255 -29.79 -15.49 28.64
N ASP C 256 -29.18 -14.53 29.32
CA ASP C 256 -29.93 -13.43 29.91
C ASP C 256 -30.70 -12.72 28.80
N SER C 257 -31.86 -12.17 29.15
CA SER C 257 -32.72 -11.57 28.15
C SER C 257 -32.07 -10.33 27.57
N ASP C 258 -31.09 -9.77 28.27
CA ASP C 258 -30.38 -8.64 27.71
C ASP C 258 -28.99 -8.95 27.11
N ALA C 259 -28.70 -10.23 26.93
CA ALA C 259 -27.40 -10.65 26.48
C ALA C 259 -27.10 -10.06 25.14
N ILE C 260 -25.83 -9.77 24.87
CA ILE C 260 -25.45 -9.43 23.50
C ILE C 260 -24.55 -10.47 22.87
N VAL C 261 -24.43 -10.43 21.55
CA VAL C 261 -23.69 -11.42 20.78
C VAL C 261 -22.55 -10.73 20.04
N LEU C 262 -21.35 -11.31 20.13
CA LEU C 262 -20.17 -10.75 19.47
C LEU C 262 -19.51 -11.81 18.61
N HIS C 263 -18.87 -11.34 17.55
CA HIS C 263 -18.13 -12.19 16.66
C HIS C 263 -17.10 -11.25 16.05
N CYS C 264 -15.83 -11.63 16.14
CA CYS C 264 -14.72 -10.75 15.73
C CYS C 264 -14.71 -10.54 14.23
N LEU C 265 -15.26 -11.51 13.50
CA LEU C 265 -15.39 -11.47 12.03
C LEU C 265 -14.03 -11.81 11.45
N PRO C 266 -13.97 -12.37 10.23
CA PRO C 266 -15.08 -12.70 9.31
C PRO C 266 -15.91 -13.88 9.82
N ALA C 267 -17.24 -13.85 9.64
CA ALA C 267 -18.10 -14.98 10.02
C ALA C 267 -18.34 -15.95 8.86
N HIS C 268 -18.39 -17.25 9.18
CA HIS C 268 -18.85 -18.26 8.24
C HIS C 268 -20.32 -18.52 8.55
N ARG C 269 -21.19 -17.75 7.92
CA ARG C 269 -22.63 -17.79 8.21
C ARG C 269 -23.17 -19.19 8.01
N GLY C 270 -23.90 -19.70 9.02
CA GLY C 270 -24.41 -21.06 8.96
C GLY C 270 -23.56 -22.12 9.64
N ASP C 271 -22.32 -21.75 10.00
CA ASP C 271 -21.45 -22.62 10.79
C ASP C 271 -21.43 -22.21 12.29
N GLU C 272 -20.51 -21.32 12.69
CA GLU C 272 -20.39 -20.95 14.11
C GLU C 272 -21.51 -20.04 14.59
N ILE C 273 -22.11 -19.30 13.67
CA ILE C 273 -23.20 -18.36 13.96
C ILE C 273 -24.29 -18.44 12.84
N THR C 274 -25.58 -18.35 13.19
CA THR C 274 -26.62 -18.37 12.14
C THR C 274 -26.97 -16.94 11.69
N ASP C 275 -27.36 -16.75 10.42
CA ASP C 275 -27.97 -15.47 9.97
C ASP C 275 -28.92 -14.93 11.04
N ALA C 276 -29.75 -15.79 11.62
CA ALA C 276 -30.78 -15.31 12.54
C ALA C 276 -30.21 -14.63 13.78
N VAL C 277 -29.19 -15.23 14.38
CA VAL C 277 -28.44 -14.60 15.49
C VAL C 277 -27.61 -13.39 15.04
N MET C 278 -26.83 -13.57 13.98
CA MET C 278 -25.89 -12.53 13.61
C MET C 278 -26.58 -11.25 13.19
N ASP C 279 -27.74 -11.38 12.54
CA ASP C 279 -28.48 -10.20 12.09
C ASP C 279 -29.58 -9.82 13.09
N GLY C 280 -29.70 -10.55 14.18
CA GLY C 280 -30.74 -10.28 15.14
C GLY C 280 -30.57 -9.05 15.99
N PRO C 281 -31.53 -8.81 16.90
CA PRO C 281 -31.55 -7.67 17.82
C PRO C 281 -30.42 -7.71 18.85
N ALA C 282 -29.94 -8.90 19.23
CA ALA C 282 -28.86 -9.00 20.23
C ALA C 282 -27.45 -8.78 19.65
N SER C 283 -27.33 -8.77 18.33
CA SER C 283 -26.04 -8.76 17.71
C SER C 283 -25.42 -7.37 17.80
N ALA C 284 -24.20 -7.30 18.35
CA ALA C 284 -23.41 -6.05 18.42
C ALA C 284 -22.23 -6.12 17.46
N VAL C 285 -22.33 -7.03 16.53
CA VAL C 285 -21.28 -7.35 15.62
C VAL C 285 -20.68 -6.15 14.87
N TRP C 286 -21.50 -5.17 14.49
CA TRP C 286 -20.97 -4.12 13.60
C TRP C 286 -20.41 -2.99 14.42
N ASP C 287 -20.97 -2.75 15.60
CA ASP C 287 -20.39 -1.77 16.49
C ASP C 287 -19.01 -2.25 16.95
N GLU C 288 -18.91 -3.55 17.19
CA GLU C 288 -17.69 -4.21 17.58
C GLU C 288 -16.58 -3.89 16.57
N ALA C 289 -16.84 -4.16 15.30
CA ALA C 289 -15.90 -3.88 14.23
C ALA C 289 -15.55 -2.40 14.11
N GLU C 290 -16.53 -1.53 14.31
CA GLU C 290 -16.25 -0.11 14.32
C GLU C 290 -15.28 0.22 15.46
N ASN C 291 -15.52 -0.39 16.62
CA ASN C 291 -14.73 -0.12 17.80
C ASN C 291 -13.24 -0.54 17.75
N ARG C 292 -12.86 -1.44 16.85
CA ARG C 292 -11.46 -1.64 16.48
C ARG C 292 -10.78 -0.30 16.23
N LEU C 293 -11.41 0.56 15.42
CA LEU C 293 -10.86 1.86 15.14
C LEU C 293 -10.55 2.64 16.44
N HIS C 294 -11.55 2.74 17.32
CA HIS C 294 -11.43 3.61 18.48
C HIS C 294 -10.53 3.02 19.52
N ALA C 295 -10.63 1.71 19.72
CA ALA C 295 -9.93 1.08 20.81
C ALA C 295 -8.42 1.10 20.55
N GLN C 296 -8.02 0.91 19.30
CA GLN C 296 -6.63 0.87 18.90
C GLN C 296 -6.02 2.26 18.92
N LYS C 297 -6.81 3.27 18.58
CA LYS C 297 -6.36 4.64 18.75
C LYS C 297 -6.07 4.92 20.22
N ALA C 298 -6.98 4.55 21.13
CA ALA C 298 -6.77 4.73 22.57
C ALA C 298 -5.49 4.02 22.97
N LEU C 299 -5.33 2.80 22.48
CA LEU C 299 -4.20 2.00 22.81
C LEU C 299 -2.93 2.71 22.37
N LEU C 300 -2.88 3.17 21.12
CA LEU C 300 -1.75 3.91 20.59
C LEU C 300 -1.39 5.10 21.46
N VAL C 301 -2.35 5.99 21.71
CA VAL C 301 -2.14 7.11 22.60
C VAL C 301 -1.47 6.72 23.91
N TRP C 302 -2.03 5.75 24.59
CA TRP C 302 -1.59 5.34 25.91
C TRP C 302 -0.12 4.83 25.87
N LEU C 303 0.19 3.99 24.88
CA LEU C 303 1.50 3.36 24.76
C LEU C 303 2.57 4.40 24.44
N LEU C 304 2.25 5.28 23.49
CA LEU C 304 3.16 6.33 23.07
C LEU C 304 3.50 7.29 24.23
N GLU C 305 2.54 7.62 25.09
CA GLU C 305 2.90 8.51 26.18
C GLU C 305 3.71 7.81 27.30
N ARG C 306 3.77 6.48 27.24
CA ARG C 306 4.52 5.68 28.19
C ARG C 306 5.83 5.10 27.61
N SER C 307 6.19 5.50 26.40
CA SER C 307 7.34 4.91 25.77
C SER C 307 8.33 6.00 25.29
#